data_2GTS
# 
_entry.id   2GTS 
# 
_audit_conform.dict_name       mmcif_pdbx.dic 
_audit_conform.dict_version    5.398 
_audit_conform.dict_location   http://mmcif.pdb.org/dictionaries/ascii/mmcif_pdbx.dic 
# 
loop_
_database_2.database_id 
_database_2.database_code 
_database_2.pdbx_database_accession 
_database_2.pdbx_DOI 
PDB   2GTS         pdb_00002gts 10.2210/pdb2gts/pdb 
RCSB  RCSB037540   ?            ?                   
WWPDB D_1000037540 ?            ?                   
# 
loop_
_pdbx_audit_revision_history.ordinal 
_pdbx_audit_revision_history.data_content_type 
_pdbx_audit_revision_history.major_revision 
_pdbx_audit_revision_history.minor_revision 
_pdbx_audit_revision_history.revision_date 
1 'Structure model' 1 0 2006-05-30 
2 'Structure model' 1 1 2008-05-01 
3 'Structure model' 1 2 2011-07-13 
4 'Structure model' 1 3 2024-10-30 
# 
_pdbx_audit_revision_details.ordinal             1 
_pdbx_audit_revision_details.revision_ordinal    1 
_pdbx_audit_revision_details.data_content_type   'Structure model' 
_pdbx_audit_revision_details.provider            repository 
_pdbx_audit_revision_details.type                'Initial release' 
_pdbx_audit_revision_details.description         ? 
_pdbx_audit_revision_details.details             ? 
# 
loop_
_pdbx_audit_revision_group.ordinal 
_pdbx_audit_revision_group.revision_ordinal 
_pdbx_audit_revision_group.data_content_type 
_pdbx_audit_revision_group.group 
1 2 'Structure model' 'Version format compliance' 
2 3 'Structure model' Advisory                    
3 3 'Structure model' 'Derived calculations'      
4 3 'Structure model' 'Version format compliance' 
5 4 'Structure model' 'Data collection'           
6 4 'Structure model' 'Database references'       
7 4 'Structure model' 'Derived calculations'      
8 4 'Structure model' 'Structure summary'         
# 
loop_
_pdbx_audit_revision_category.ordinal 
_pdbx_audit_revision_category.revision_ordinal 
_pdbx_audit_revision_category.data_content_type 
_pdbx_audit_revision_category.category 
1 4 'Structure model' chem_comp_atom            
2 4 'Structure model' chem_comp_bond            
3 4 'Structure model' database_2                
4 4 'Structure model' pdbx_entry_details        
5 4 'Structure model' pdbx_modification_feature 
6 4 'Structure model' struct_conn               
# 
loop_
_pdbx_audit_revision_item.ordinal 
_pdbx_audit_revision_item.revision_ordinal 
_pdbx_audit_revision_item.data_content_type 
_pdbx_audit_revision_item.item 
1 4 'Structure model' '_database_2.pdbx_DOI'                
2 4 'Structure model' '_database_2.pdbx_database_accession' 
3 4 'Structure model' '_struct_conn.pdbx_leaving_atom_flag' 
# 
_pdbx_database_status.status_code                     REL 
_pdbx_database_status.entry_id                        2GTS 
_pdbx_database_status.recvd_initial_deposition_date   2006-04-28 
_pdbx_database_status.deposit_site                    RCSB 
_pdbx_database_status.process_site                    RCSB 
_pdbx_database_status.status_code_sf                  REL 
_pdbx_database_status.status_code_mr                  ? 
_pdbx_database_status.SG_entry                        Y 
_pdbx_database_status.status_code_cs                  ? 
_pdbx_database_status.pdb_format_compatible           Y 
_pdbx_database_status.status_code_nmr_data            ? 
_pdbx_database_status.methods_development_category    ? 
# 
_pdbx_database_related.db_name        TargetDB 
_pdbx_database_related.db_id          APC5595 
_pdbx_database_related.details        . 
_pdbx_database_related.content_type   unspecified 
# 
loop_
_audit_author.name 
_audit_author.pdbx_ordinal 
'Binkowski, T.A.'                               1 
'Xu, X.'                                        2 
'Savchenko, A.'                                 3 
'Edwards, A.'                                   4 
'Joachimiak, A.'                                5 
'Midwest Center for Structural Genomics (MCSG)' 6 
# 
_citation.id                        primary 
_citation.title                     'Hypothetical protein HP0062 from Helicobacter pylori' 
_citation.journal_abbrev            'To be Published' 
_citation.journal_volume            ? 
_citation.page_first                ? 
_citation.page_last                 ? 
_citation.year                      ? 
_citation.journal_id_ASTM           ? 
_citation.country                   ? 
_citation.journal_id_ISSN           ? 
_citation.journal_id_CSD            0353 
_citation.book_publisher            ? 
_citation.pdbx_database_id_PubMed   ? 
_citation.pdbx_database_id_DOI      ? 
# 
loop_
_citation_author.citation_id 
_citation_author.name 
_citation_author.ordinal 
_citation_author.identifier_ORCID 
primary 'Binkowski, T.A.'                               1 ? 
primary 'Xu, X.'                                        2 ? 
primary 'Savchenko, A.'                                 3 ? 
primary 'Edwards, A.'                                   4 ? 
primary 'Joachimiak, A.'                                5 ? 
primary 'Midwest Center for Structural Genomics (MCSG)' 6 ? 
# 
loop_
_entity.id 
_entity.type 
_entity.src_method 
_entity.pdbx_description 
_entity.formula_weight 
_entity.pdbx_number_of_molecules 
_entity.pdbx_ec 
_entity.pdbx_mutation 
_entity.pdbx_fragment 
_entity.details 
1 polymer man 'hypothetical protein HP0062' 10626.426 1  ? ? ? ? 
2 water   nat water                         18.015    30 ? ? ? ? 
# 
_entity_poly.entity_id                      1 
_entity_poly.type                           'polypeptide(L)' 
_entity_poly.nstd_linkage                   no 
_entity_poly.nstd_monomer                   yes 
_entity_poly.pdbx_seq_one_letter_code       
;(MSE)SRVQ(MSE)DTEEVREFVGHLERFKELLREEVNSLSNHFHNLESWRDARRDKFSEVLDNLKSTFNEFDEAAQEQI
AWLKERIRVLEEDY
;
_entity_poly.pdbx_seq_one_letter_code_can   
;MSRVQMDTEEVREFVGHLERFKELLREEVNSLSNHFHNLESWRDARRDKFSEVLDNLKSTFNEFDEAAQEQIAWLKERIR
VLEEDY
;
_entity_poly.pdbx_strand_id                 A 
_entity_poly.pdbx_target_identifier         APC5595 
# 
_pdbx_entity_nonpoly.entity_id   2 
_pdbx_entity_nonpoly.name        water 
_pdbx_entity_nonpoly.comp_id     HOH 
# 
loop_
_entity_poly_seq.entity_id 
_entity_poly_seq.num 
_entity_poly_seq.mon_id 
_entity_poly_seq.hetero 
1 1  MSE n 
1 2  SER n 
1 3  ARG n 
1 4  VAL n 
1 5  GLN n 
1 6  MSE n 
1 7  ASP n 
1 8  THR n 
1 9  GLU n 
1 10 GLU n 
1 11 VAL n 
1 12 ARG n 
1 13 GLU n 
1 14 PHE n 
1 15 VAL n 
1 16 GLY n 
1 17 HIS n 
1 18 LEU n 
1 19 GLU n 
1 20 ARG n 
1 21 PHE n 
1 22 LYS n 
1 23 GLU n 
1 24 LEU n 
1 25 LEU n 
1 26 ARG n 
1 27 GLU n 
1 28 GLU n 
1 29 VAL n 
1 30 ASN n 
1 31 SER n 
1 32 LEU n 
1 33 SER n 
1 34 ASN n 
1 35 HIS n 
1 36 PHE n 
1 37 HIS n 
1 38 ASN n 
1 39 LEU n 
1 40 GLU n 
1 41 SER n 
1 42 TRP n 
1 43 ARG n 
1 44 ASP n 
1 45 ALA n 
1 46 ARG n 
1 47 ARG n 
1 48 ASP n 
1 49 LYS n 
1 50 PHE n 
1 51 SER n 
1 52 GLU n 
1 53 VAL n 
1 54 LEU n 
1 55 ASP n 
1 56 ASN n 
1 57 LEU n 
1 58 LYS n 
1 59 SER n 
1 60 THR n 
1 61 PHE n 
1 62 ASN n 
1 63 GLU n 
1 64 PHE n 
1 65 ASP n 
1 66 GLU n 
1 67 ALA n 
1 68 ALA n 
1 69 GLN n 
1 70 GLU n 
1 71 GLN n 
1 72 ILE n 
1 73 ALA n 
1 74 TRP n 
1 75 LEU n 
1 76 LYS n 
1 77 GLU n 
1 78 ARG n 
1 79 ILE n 
1 80 ARG n 
1 81 VAL n 
1 82 LEU n 
1 83 GLU n 
1 84 GLU n 
1 85 ASP n 
1 86 TYR n 
# 
_entity_src_gen.entity_id                          1 
_entity_src_gen.pdbx_src_id                        1 
_entity_src_gen.pdbx_alt_source_flag               sample 
_entity_src_gen.pdbx_seq_type                      ? 
_entity_src_gen.pdbx_beg_seq_num                   ? 
_entity_src_gen.pdbx_end_seq_num                   ? 
_entity_src_gen.gene_src_common_name               ? 
_entity_src_gen.gene_src_genus                     Helicobacter 
_entity_src_gen.pdbx_gene_src_gene                 'GeneID:899000, HP0062' 
_entity_src_gen.gene_src_species                   ? 
_entity_src_gen.gene_src_strain                    ? 
_entity_src_gen.gene_src_tissue                    ? 
_entity_src_gen.gene_src_tissue_fraction           ? 
_entity_src_gen.gene_src_details                   ? 
_entity_src_gen.pdbx_gene_src_fragment             ? 
_entity_src_gen.pdbx_gene_src_scientific_name      'Helicobacter pylori' 
_entity_src_gen.pdbx_gene_src_ncbi_taxonomy_id     210 
_entity_src_gen.pdbx_gene_src_variant              ? 
_entity_src_gen.pdbx_gene_src_cell_line            ? 
_entity_src_gen.pdbx_gene_src_atcc                 ? 
_entity_src_gen.pdbx_gene_src_organ                ? 
_entity_src_gen.pdbx_gene_src_organelle            ? 
_entity_src_gen.pdbx_gene_src_cell                 ? 
_entity_src_gen.pdbx_gene_src_cellular_location    ? 
_entity_src_gen.host_org_common_name               ? 
_entity_src_gen.pdbx_host_org_scientific_name      'Escherichia coli' 
_entity_src_gen.pdbx_host_org_ncbi_taxonomy_id     562 
_entity_src_gen.host_org_genus                     Escherichia 
_entity_src_gen.pdbx_host_org_gene                 ? 
_entity_src_gen.pdbx_host_org_organ                ? 
_entity_src_gen.host_org_species                   ? 
_entity_src_gen.pdbx_host_org_tissue               ? 
_entity_src_gen.pdbx_host_org_tissue_fraction      ? 
_entity_src_gen.pdbx_host_org_strain               ? 
_entity_src_gen.pdbx_host_org_variant              ? 
_entity_src_gen.pdbx_host_org_cell_line            ? 
_entity_src_gen.pdbx_host_org_atcc                 ? 
_entity_src_gen.pdbx_host_org_culture_collection   ? 
_entity_src_gen.pdbx_host_org_cell                 ? 
_entity_src_gen.pdbx_host_org_organelle            ? 
_entity_src_gen.pdbx_host_org_cellular_location    ? 
_entity_src_gen.pdbx_host_org_vector_type          ? 
_entity_src_gen.pdbx_host_org_vector               ? 
_entity_src_gen.host_org_details                   ? 
_entity_src_gen.expression_system_id               ? 
_entity_src_gen.plasmid_name                       ? 
_entity_src_gen.plasmid_details                    ? 
_entity_src_gen.pdbx_description                   ? 
# 
loop_
_chem_comp.id 
_chem_comp.type 
_chem_comp.mon_nstd_flag 
_chem_comp.name 
_chem_comp.pdbx_synonyms 
_chem_comp.formula 
_chem_comp.formula_weight 
ALA 'L-peptide linking' y ALANINE          ? 'C3 H7 N O2'     89.093  
ARG 'L-peptide linking' y ARGININE         ? 'C6 H15 N4 O2 1' 175.209 
ASN 'L-peptide linking' y ASPARAGINE       ? 'C4 H8 N2 O3'    132.118 
ASP 'L-peptide linking' y 'ASPARTIC ACID'  ? 'C4 H7 N O4'     133.103 
GLN 'L-peptide linking' y GLUTAMINE        ? 'C5 H10 N2 O3'   146.144 
GLU 'L-peptide linking' y 'GLUTAMIC ACID'  ? 'C5 H9 N O4'     147.129 
GLY 'peptide linking'   y GLYCINE          ? 'C2 H5 N O2'     75.067  
HIS 'L-peptide linking' y HISTIDINE        ? 'C6 H10 N3 O2 1' 156.162 
HOH non-polymer         . WATER            ? 'H2 O'           18.015  
ILE 'L-peptide linking' y ISOLEUCINE       ? 'C6 H13 N O2'    131.173 
LEU 'L-peptide linking' y LEUCINE          ? 'C6 H13 N O2'    131.173 
LYS 'L-peptide linking' y LYSINE           ? 'C6 H15 N2 O2 1' 147.195 
MSE 'L-peptide linking' n SELENOMETHIONINE ? 'C5 H11 N O2 Se' 196.106 
PHE 'L-peptide linking' y PHENYLALANINE    ? 'C9 H11 N O2'    165.189 
SER 'L-peptide linking' y SERINE           ? 'C3 H7 N O3'     105.093 
THR 'L-peptide linking' y THREONINE        ? 'C4 H9 N O3'     119.119 
TRP 'L-peptide linking' y TRYPTOPHAN       ? 'C11 H12 N2 O2'  204.225 
TYR 'L-peptide linking' y TYROSINE         ? 'C9 H11 N O3'    181.189 
VAL 'L-peptide linking' y VALINE           ? 'C5 H11 N O2'    117.146 
# 
loop_
_pdbx_poly_seq_scheme.asym_id 
_pdbx_poly_seq_scheme.entity_id 
_pdbx_poly_seq_scheme.seq_id 
_pdbx_poly_seq_scheme.mon_id 
_pdbx_poly_seq_scheme.ndb_seq_num 
_pdbx_poly_seq_scheme.pdb_seq_num 
_pdbx_poly_seq_scheme.auth_seq_num 
_pdbx_poly_seq_scheme.pdb_mon_id 
_pdbx_poly_seq_scheme.auth_mon_id 
_pdbx_poly_seq_scheme.pdb_strand_id 
_pdbx_poly_seq_scheme.pdb_ins_code 
_pdbx_poly_seq_scheme.hetero 
A 1 1  MSE 1  1  ?  ?   ?   A . n 
A 1 2  SER 2  2  ?  ?   ?   A . n 
A 1 3  ARG 3  3  ?  ?   ?   A . n 
A 1 4  VAL 4  4  4  VAL VAL A . n 
A 1 5  GLN 5  5  5  GLN GLN A . n 
A 1 6  MSE 6  6  6  MSE MSE A . n 
A 1 7  ASP 7  7  7  ASP ASP A . n 
A 1 8  THR 8  8  8  THR THR A . n 
A 1 9  GLU 9  9  9  GLU GLU A . n 
A 1 10 GLU 10 10 10 GLU GLU A . n 
A 1 11 VAL 11 11 11 VAL VAL A . n 
A 1 12 ARG 12 12 12 ARG ARG A . n 
A 1 13 GLU 13 13 13 GLU GLU A . n 
A 1 14 PHE 14 14 14 PHE PHE A . n 
A 1 15 VAL 15 15 15 VAL VAL A . n 
A 1 16 GLY 16 16 16 GLY GLY A . n 
A 1 17 HIS 17 17 17 HIS HIS A . n 
A 1 18 LEU 18 18 18 LEU LEU A . n 
A 1 19 GLU 19 19 19 GLU GLU A . n 
A 1 20 ARG 20 20 20 ARG ARG A . n 
A 1 21 PHE 21 21 21 PHE PHE A . n 
A 1 22 LYS 22 22 22 LYS LYS A . n 
A 1 23 GLU 23 23 23 GLU GLU A . n 
A 1 24 LEU 24 24 24 LEU LEU A . n 
A 1 25 LEU 25 25 25 LEU LEU A . n 
A 1 26 ARG 26 26 26 ARG ARG A . n 
A 1 27 GLU 27 27 27 GLU GLU A . n 
A 1 28 GLU 28 28 28 GLU GLU A . n 
A 1 29 VAL 29 29 29 VAL VAL A . n 
A 1 30 ASN 30 30 30 ASN ASN A . n 
A 1 31 SER 31 31 31 SER SER A . n 
A 1 32 LEU 32 32 32 LEU LEU A . n 
A 1 33 SER 33 33 33 SER SER A . n 
A 1 34 ASN 34 34 34 ASN ASN A . n 
A 1 35 HIS 35 35 35 HIS HIS A . n 
A 1 36 PHE 36 36 36 PHE PHE A . n 
A 1 37 HIS 37 37 37 HIS HIS A . n 
A 1 38 ASN 38 38 38 ASN ASN A . n 
A 1 39 LEU 39 39 39 LEU LEU A . n 
A 1 40 GLU 40 40 40 GLU GLU A . n 
A 1 41 SER 41 41 41 SER SER A . n 
A 1 42 TRP 42 42 42 TRP TRP A . n 
A 1 43 ARG 43 43 43 ARG ARG A . n 
A 1 44 ASP 44 44 44 ASP ASP A . n 
A 1 45 ALA 45 45 45 ALA ALA A . n 
A 1 46 ARG 46 46 46 ARG ARG A . n 
A 1 47 ARG 47 47 47 ARG ARG A . n 
A 1 48 ASP 48 48 48 ASP ASP A . n 
A 1 49 LYS 49 49 49 LYS LYS A . n 
A 1 50 PHE 50 50 50 PHE PHE A . n 
A 1 51 SER 51 51 51 SER SER A . n 
A 1 52 GLU 52 52 52 GLU GLU A . n 
A 1 53 VAL 53 53 53 VAL VAL A . n 
A 1 54 LEU 54 54 54 LEU LEU A . n 
A 1 55 ASP 55 55 55 ASP ASP A . n 
A 1 56 ASN 56 56 56 ASN ASN A . n 
A 1 57 LEU 57 57 57 LEU LEU A . n 
A 1 58 LYS 58 58 58 LYS LYS A . n 
A 1 59 SER 59 59 59 SER SER A . n 
A 1 60 THR 60 60 60 THR THR A . n 
A 1 61 PHE 61 61 61 PHE PHE A . n 
A 1 62 ASN 62 62 62 ASN ASN A . n 
A 1 63 GLU 63 63 63 GLU GLU A . n 
A 1 64 PHE 64 64 64 PHE PHE A . n 
A 1 65 ASP 65 65 65 ASP ASP A . n 
A 1 66 GLU 66 66 66 GLU GLU A . n 
A 1 67 ALA 67 67 67 ALA ALA A . n 
A 1 68 ALA 68 68 68 ALA ALA A . n 
A 1 69 GLN 69 69 69 GLN GLN A . n 
A 1 70 GLU 70 70 70 GLU GLU A . n 
A 1 71 GLN 71 71 71 GLN GLN A . n 
A 1 72 ILE 72 72 72 ILE ILE A . n 
A 1 73 ALA 73 73 73 ALA ALA A . n 
A 1 74 TRP 74 74 74 TRP TRP A . n 
A 1 75 LEU 75 75 75 LEU LEU A . n 
A 1 76 LYS 76 76 76 LYS LYS A . n 
A 1 77 GLU 77 77 77 GLU GLU A . n 
A 1 78 ARG 78 78 78 ARG ARG A . n 
A 1 79 ILE 79 79 79 ILE ILE A . n 
A 1 80 ARG 80 80 80 ARG ARG A . n 
A 1 81 VAL 81 81 ?  ?   ?   A . n 
A 1 82 LEU 82 82 ?  ?   ?   A . n 
A 1 83 GLU 83 83 ?  ?   ?   A . n 
A 1 84 GLU 84 84 ?  ?   ?   A . n 
A 1 85 ASP 85 85 ?  ?   ?   A . n 
A 1 86 TYR 86 86 ?  ?   ?   A . n 
# 
loop_
_pdbx_nonpoly_scheme.asym_id 
_pdbx_nonpoly_scheme.entity_id 
_pdbx_nonpoly_scheme.mon_id 
_pdbx_nonpoly_scheme.ndb_seq_num 
_pdbx_nonpoly_scheme.pdb_seq_num 
_pdbx_nonpoly_scheme.auth_seq_num 
_pdbx_nonpoly_scheme.pdb_mon_id 
_pdbx_nonpoly_scheme.auth_mon_id 
_pdbx_nonpoly_scheme.pdb_strand_id 
_pdbx_nonpoly_scheme.pdb_ins_code 
B 2 HOH 1  87  1  HOH HOH A . 
B 2 HOH 2  88  2  HOH HOH A . 
B 2 HOH 3  89  3  HOH HOH A . 
B 2 HOH 4  90  5  HOH HOH A . 
B 2 HOH 5  91  6  HOH HOH A . 
B 2 HOH 6  92  7  HOH HOH A . 
B 2 HOH 7  93  15 HOH HOH A . 
B 2 HOH 8  94  17 HOH HOH A . 
B 2 HOH 9  95  22 HOH HOH A . 
B 2 HOH 10 96  26 HOH HOH A . 
B 2 HOH 11 97  27 HOH HOH A . 
B 2 HOH 12 98  31 HOH HOH A . 
B 2 HOH 13 99  32 HOH HOH A . 
B 2 HOH 14 100 35 HOH HOH A . 
B 2 HOH 15 101 76 HOH HOH A . 
B 2 HOH 16 102 77 HOH HOH A . 
B 2 HOH 17 103 78 HOH HOH A . 
B 2 HOH 18 104 79 HOH HOH A . 
B 2 HOH 19 105 80 HOH HOH A . 
B 2 HOH 20 106 81 HOH HOH A . 
B 2 HOH 21 107 82 HOH HOH A . 
B 2 HOH 22 108 85 HOH HOH A . 
B 2 HOH 23 109 86 HOH HOH A . 
B 2 HOH 24 110 87 HOH HOH A . 
B 2 HOH 25 111 89 HOH HOH A . 
B 2 HOH 26 112 91 HOH HOH A . 
B 2 HOH 27 113 93 HOH HOH A . 
B 2 HOH 28 114 95 HOH HOH A . 
B 2 HOH 29 115 96 HOH HOH A . 
B 2 HOH 30 116 97 HOH HOH A . 
# 
loop_
_software.name 
_software.classification 
_software.version 
_software.citation_id 
_software.pdbx_ordinal 
REFMAC   refinement       5.2.0019 ? 1 
HKL-2000 'data reduction' .        ? 2 
HKL-2000 'data scaling'   .        ? 3 
HKL-3000 phasing          .        ? 4 
SHELXE   'model building' .        ? 5 
SOLVE    phasing          .        ? 6 
RESOLVE  phasing          .        ? 7 
ARP/wARP 'model building' .        ? 8 
# 
_cell.entry_id           2GTS 
_cell.length_a           43.494 
_cell.length_b           43.494 
_cell.length_c           97.639 
_cell.angle_alpha        90.00 
_cell.angle_beta         90.00 
_cell.angle_gamma        120.00 
_cell.Z_PDB              6 
_cell.pdbx_unique_axis   ? 
_cell.length_a_esd       ? 
_cell.length_b_esd       ? 
_cell.length_c_esd       ? 
_cell.angle_alpha_esd    ? 
_cell.angle_beta_esd     ? 
_cell.angle_gamma_esd    ? 
# 
_symmetry.entry_id                         2GTS 
_symmetry.space_group_name_H-M             'P 31 2 1' 
_symmetry.pdbx_full_space_group_name_H-M   ? 
_symmetry.cell_setting                     ? 
_symmetry.Int_Tables_number                152 
_symmetry.space_group_name_Hall            ? 
# 
_exptl.entry_id          2GTS 
_exptl.method            'X-RAY DIFFRACTION' 
_exptl.crystals_number   1 
# 
_exptl_crystal.id                    1 
_exptl_crystal.density_meas          ? 
_exptl_crystal.density_Matthews      2.51 
_exptl_crystal.density_percent_sol   50.97 
_exptl_crystal.description           ? 
_exptl_crystal.F_000                 ? 
_exptl_crystal.preparation           ? 
# 
_exptl_crystal_grow.crystal_id      1 
_exptl_crystal_grow.method          'VAPOR DIFFUSION, SITTING DROP' 
_exptl_crystal_grow.temp            298 
_exptl_crystal_grow.temp_details    ? 
_exptl_crystal_grow.pH              7.5 
_exptl_crystal_grow.pdbx_details    'Na Citrate 1.4M, 0.1M Hepes, pH 7.5, VAPOR DIFFUSION, SITTING DROP, temperature 298K' 
_exptl_crystal_grow.pdbx_pH_range   . 
# 
_diffrn.id                     1 
_diffrn.ambient_temp           150 
_diffrn.ambient_temp_details   ? 
_diffrn.crystal_id             1 
# 
_diffrn_detector.diffrn_id              1 
_diffrn_detector.detector               CCD 
_diffrn_detector.type                   SBC-2 
_diffrn_detector.pdbx_collection_date   2005-02-14 
_diffrn_detector.details                ? 
# 
_diffrn_radiation.diffrn_id                        1 
_diffrn_radiation.wavelength_id                    1 
_diffrn_radiation.pdbx_monochromatic_or_laue_m_l   M 
_diffrn_radiation.monochromator                    'Double Crystal' 
_diffrn_radiation.pdbx_diffrn_protocol             'SINGLE WAVELENGTH' 
_diffrn_radiation.pdbx_scattering_type             x-ray 
# 
_diffrn_radiation_wavelength.id           1 
_diffrn_radiation_wavelength.wavelength   0.97945 
_diffrn_radiation_wavelength.wt           1.0 
# 
_diffrn_source.diffrn_id                   1 
_diffrn_source.source                      SYNCHROTRON 
_diffrn_source.type                        'APS BEAMLINE 19-ID' 
_diffrn_source.pdbx_synchrotron_site       APS 
_diffrn_source.pdbx_synchrotron_beamline   19-ID 
_diffrn_source.pdbx_wavelength             ? 
_diffrn_source.pdbx_wavelength_list        0.97945 
# 
_reflns.entry_id                     2GTS 
_reflns.observed_criterion_sigma_I   2.0 
_reflns.observed_criterion_sigma_F   2.0 
_reflns.d_resolution_low             50.0 
_reflns.d_resolution_high            2.1 
_reflns.number_obs                   6035 
_reflns.number_all                   6359 
_reflns.percent_possible_obs         94.4 
_reflns.pdbx_Rmerge_I_obs            ? 
_reflns.pdbx_Rsym_value              ? 
_reflns.pdbx_netI_over_sigmaI        ? 
_reflns.B_iso_Wilson_estimate        ? 
_reflns.pdbx_redundancy              ? 
_reflns.R_free_details               ? 
_reflns.limit_h_max                  ? 
_reflns.limit_h_min                  ? 
_reflns.limit_k_max                  ? 
_reflns.limit_k_min                  ? 
_reflns.limit_l_max                  ? 
_reflns.limit_l_min                  ? 
_reflns.observed_criterion_F_max     ? 
_reflns.observed_criterion_F_min     ? 
_reflns.pdbx_chi_squared             ? 
_reflns.pdbx_scaling_rejects         ? 
_reflns.pdbx_ordinal                 1 
_reflns.pdbx_diffrn_id               1 
# 
_reflns_shell.d_res_high             2.1 
_reflns_shell.d_res_low              2.155 
_reflns_shell.percent_possible_all   64.02 
_reflns_shell.Rmerge_I_obs           ? 
_reflns_shell.pdbx_Rsym_value        ? 
_reflns_shell.meanI_over_sigI_obs    ? 
_reflns_shell.pdbx_redundancy        ? 
_reflns_shell.percent_possible_obs   ? 
_reflns_shell.number_unique_all      ? 
_reflns_shell.number_measured_all    ? 
_reflns_shell.number_measured_obs    ? 
_reflns_shell.number_unique_obs      ? 
_reflns_shell.pdbx_chi_squared       ? 
_reflns_shell.pdbx_ordinal           1 
_reflns_shell.pdbx_diffrn_id         1 
# 
_refine.entry_id                                 2GTS 
_refine.ls_number_reflns_obs                     6035 
_refine.ls_number_reflns_all                     6359 
_refine.pdbx_ls_sigma_I                          ? 
_refine.pdbx_ls_sigma_F                          2 
_refine.pdbx_data_cutoff_high_absF               ? 
_refine.pdbx_data_cutoff_low_absF                ? 
_refine.pdbx_data_cutoff_high_rms_absF           ? 
_refine.ls_d_res_low                             29.83 
_refine.ls_d_res_high                            2.10 
_refine.ls_percent_reflns_obs                    94.93 
_refine.ls_R_factor_obs                          0.2254 
_refine.ls_R_factor_all                          0.2278 
_refine.ls_R_factor_R_work                       0.22189 
_refine.ls_R_factor_R_free                       0.29686 
_refine.ls_R_factor_R_free_error                 ? 
_refine.ls_R_factor_R_free_error_details         ? 
_refine.ls_percent_reflns_R_free                 4.6 
_refine.ls_number_reflns_R_free                  294 
_refine.ls_number_parameters                     ? 
_refine.ls_number_restraints                     ? 
_refine.occupancy_min                            ? 
_refine.occupancy_max                            ? 
_refine.correlation_coeff_Fo_to_Fc               0.951 
_refine.correlation_coeff_Fo_to_Fc_free          0.907 
_refine.B_iso_mean                               69.589 
_refine.aniso_B[1][1]                            2.02 
_refine.aniso_B[2][2]                            2.02 
_refine.aniso_B[3][3]                            -3.03 
_refine.aniso_B[1][2]                            1.01 
_refine.aniso_B[1][3]                            0.00 
_refine.aniso_B[2][3]                            0.00 
_refine.solvent_model_details                    MASK 
_refine.solvent_model_param_ksol                 ? 
_refine.solvent_model_param_bsol                 ? 
_refine.pdbx_solvent_vdw_probe_radii             1.20 
_refine.pdbx_solvent_ion_probe_radii             0.80 
_refine.pdbx_solvent_shrinkage_radii             0.80 
_refine.pdbx_ls_cross_valid_method               THROUGHOUT 
_refine.details                                  'HYDROGENS HAVE BEEN ADDED IN THE RIDING POSITIONS' 
_refine.pdbx_starting_model                      ? 
_refine.pdbx_method_to_determine_struct          SAD 
_refine.pdbx_isotropic_thermal_model             ? 
_refine.pdbx_stereochemistry_target_values       'MAXIMUM LIKELIHOOD' 
_refine.pdbx_stereochem_target_val_spec_case     ? 
_refine.pdbx_R_Free_selection_details            RANDOM 
_refine.pdbx_overall_ESU_R                       0.225 
_refine.pdbx_overall_ESU_R_Free                  0.220 
_refine.overall_SU_ML                            0.189 
_refine.overall_SU_B                             15.219 
_refine.ls_redundancy_reflns_obs                 ? 
_refine.B_iso_min                                ? 
_refine.B_iso_max                                ? 
_refine.overall_SU_R_Cruickshank_DPI             ? 
_refine.overall_SU_R_free                        ? 
_refine.ls_wR_factor_R_free                      ? 
_refine.ls_wR_factor_R_work                      ? 
_refine.overall_FOM_free_R_set                   ? 
_refine.overall_FOM_work_R_set                   ? 
_refine.pdbx_refine_id                           'X-RAY DIFFRACTION' 
_refine.pdbx_overall_phase_error                 ? 
_refine.pdbx_TLS_residual_ADP_flag               'LIKELY RESIDUAL' 
_refine.pdbx_diffrn_id                           1 
_refine.pdbx_overall_SU_R_free_Cruickshank_DPI   ? 
_refine.pdbx_overall_SU_R_Blow_DPI               ? 
_refine.pdbx_overall_SU_R_free_Blow_DPI          ? 
# 
_refine_hist.pdbx_refine_id                   'X-RAY DIFFRACTION' 
_refine_hist.cycle_id                         LAST 
_refine_hist.pdbx_number_atoms_protein        663 
_refine_hist.pdbx_number_atoms_nucleic_acid   0 
_refine_hist.pdbx_number_atoms_ligand         0 
_refine_hist.number_atoms_solvent             30 
_refine_hist.number_atoms_total               693 
_refine_hist.d_res_high                       2.10 
_refine_hist.d_res_low                        29.83 
# 
loop_
_refine_ls_restr.type 
_refine_ls_restr.dev_ideal 
_refine_ls_restr.dev_ideal_target 
_refine_ls_restr.weight 
_refine_ls_restr.number 
_refine_ls_restr.pdbx_refine_id 
_refine_ls_restr.pdbx_restraint_function 
r_bond_refined_d         0.025  0.021  ? 675 'X-RAY DIFFRACTION' ? 
r_angle_refined_deg      2.035  1.919  ? 905 'X-RAY DIFFRACTION' ? 
r_dihedral_angle_1_deg   7.601  5.000  ? 76  'X-RAY DIFFRACTION' ? 
r_dihedral_angle_2_deg   44.087 24.000 ? 45  'X-RAY DIFFRACTION' ? 
r_dihedral_angle_3_deg   19.640 15.000 ? 128 'X-RAY DIFFRACTION' ? 
r_dihedral_angle_4_deg   18.931 15.000 ? 8   'X-RAY DIFFRACTION' ? 
r_chiral_restr           0.150  0.200  ? 93  'X-RAY DIFFRACTION' ? 
r_gen_planes_refined     0.007  0.020  ? 528 'X-RAY DIFFRACTION' ? 
r_nbd_refined            0.245  0.200  ? 251 'X-RAY DIFFRACTION' ? 
r_nbtor_refined          0.319  0.200  ? 462 'X-RAY DIFFRACTION' ? 
r_xyhbond_nbd_refined    0.327  0.200  ? 26  'X-RAY DIFFRACTION' ? 
r_symmetry_vdw_refined   0.389  0.200  ? 53  'X-RAY DIFFRACTION' ? 
r_symmetry_hbond_refined 0.412  0.200  ? 13  'X-RAY DIFFRACTION' ? 
r_mcbond_it              1.135  1.500  ? 399 'X-RAY DIFFRACTION' ? 
r_mcangle_it             1.889  2.000  ? 615 'X-RAY DIFFRACTION' ? 
r_scbond_it              3.162  3.000  ? 315 'X-RAY DIFFRACTION' ? 
r_scangle_it             5.032  4.500  ? 290 'X-RAY DIFFRACTION' ? 
# 
_refine_ls_shell.pdbx_total_number_of_bins_used   20 
_refine_ls_shell.d_res_high                       2.100 
_refine_ls_shell.d_res_low                        2.155 
_refine_ls_shell.number_reflns_R_work             287 
_refine_ls_shell.R_factor_R_work                  0.285 
_refine_ls_shell.percent_reflns_obs               64.02 
_refine_ls_shell.R_factor_R_free                  0.666 
_refine_ls_shell.R_factor_R_free_error            ? 
_refine_ls_shell.percent_reflns_R_free            ? 
_refine_ls_shell.number_reflns_R_free             19 
_refine_ls_shell.number_reflns_all                ? 
_refine_ls_shell.R_factor_all                     ? 
_refine_ls_shell.number_reflns_obs                ? 
_refine_ls_shell.redundancy_reflns_obs            ? 
_refine_ls_shell.pdbx_refine_id                   'X-RAY DIFFRACTION' 
# 
_struct.entry_id                  2GTS 
_struct.title                     'Structure of Protein of Unknown Function HP0062 from Helicobacter pylori' 
_struct.pdbx_model_details        ? 
_struct.pdbx_CASP_flag            ? 
_struct.pdbx_model_type_details   ? 
# 
_struct_keywords.entry_id        2GTS 
_struct_keywords.pdbx_keywords   'STRUCTURAL GENOMICS, UNKNOWN FUNCTION' 
_struct_keywords.text            
;MCSG, structural genomics, hypothetical protein, Helicobacter pylori, PSI, Protein Structure Initiative, Midwest Center for Structural Genomics, UNKNOWN FUNCTION
;
# 
loop_
_struct_asym.id 
_struct_asym.pdbx_blank_PDB_chainid_flag 
_struct_asym.pdbx_modified 
_struct_asym.entity_id 
_struct_asym.details 
A N N 1 ? 
B N N 2 ? 
# 
_struct_ref.id                         1 
_struct_ref.db_name                    GB 
_struct_ref.db_code                    NP_206862 
_struct_ref.pdbx_db_accession          15644692 
_struct_ref.entity_id                  1 
_struct_ref.pdbx_seq_one_letter_code   
;MSRVQMDTEEVREFVGHLERFKELLREEVNSLSNHFHNLESWRDARRDKFSEVLDNLKSTFNEFDEAAQEQIAWLKERIR
VLEEDY
;
_struct_ref.pdbx_align_begin           1 
_struct_ref.pdbx_db_isoform            ? 
# 
_struct_ref_seq.align_id                      1 
_struct_ref_seq.ref_id                        1 
_struct_ref_seq.pdbx_PDB_id_code              2GTS 
_struct_ref_seq.pdbx_strand_id                A 
_struct_ref_seq.seq_align_beg                 1 
_struct_ref_seq.pdbx_seq_align_beg_ins_code   ? 
_struct_ref_seq.seq_align_end                 86 
_struct_ref_seq.pdbx_seq_align_end_ins_code   ? 
_struct_ref_seq.pdbx_db_accession             15644692 
_struct_ref_seq.db_align_beg                  1 
_struct_ref_seq.pdbx_db_align_beg_ins_code    ? 
_struct_ref_seq.db_align_end                  86 
_struct_ref_seq.pdbx_db_align_end_ins_code    ? 
_struct_ref_seq.pdbx_auth_seq_align_beg       1 
_struct_ref_seq.pdbx_auth_seq_align_end       86 
# 
loop_
_pdbx_struct_assembly.id 
_pdbx_struct_assembly.details 
_pdbx_struct_assembly.method_details 
_pdbx_struct_assembly.oligomeric_details 
_pdbx_struct_assembly.oligomeric_count 
1 author_defined_assembly   ?        monomeric 1 
2 software_defined_assembly PISA,PQS dimeric   2 
# 
loop_
_pdbx_struct_assembly_prop.biol_id 
_pdbx_struct_assembly_prop.type 
_pdbx_struct_assembly_prop.value 
_pdbx_struct_assembly_prop.details 
2 'ABSA (A^2)' 3450 ? 
2 MORE         -28  ? 
2 'SSA (A^2)'  9080 ? 
# 
loop_
_pdbx_struct_assembly_gen.assembly_id 
_pdbx_struct_assembly_gen.oper_expression 
_pdbx_struct_assembly_gen.asym_id_list 
1 1   A,B 
2 1,2 A,B 
# 
loop_
_pdbx_struct_oper_list.id 
_pdbx_struct_oper_list.type 
_pdbx_struct_oper_list.name 
_pdbx_struct_oper_list.symmetry_operation 
_pdbx_struct_oper_list.matrix[1][1] 
_pdbx_struct_oper_list.matrix[1][2] 
_pdbx_struct_oper_list.matrix[1][3] 
_pdbx_struct_oper_list.vector[1] 
_pdbx_struct_oper_list.matrix[2][1] 
_pdbx_struct_oper_list.matrix[2][2] 
_pdbx_struct_oper_list.matrix[2][3] 
_pdbx_struct_oper_list.vector[2] 
_pdbx_struct_oper_list.matrix[3][1] 
_pdbx_struct_oper_list.matrix[3][2] 
_pdbx_struct_oper_list.matrix[3][3] 
_pdbx_struct_oper_list.vector[3] 
1 'identity operation'         1_555 x,y,z  1.0000000000  0.0000000000 0.0000000000  0.0000000000  0.0000000000 1.0000000000  0.0000000000  0.0000000000  0.0000000000  0.0000000000  1.0000000000 0.0000000000 
2 'crystal symmetry operation' 4_555 y,x,-z -0.9775794458 0.0310624934 -0.2082631716 -1.2112027021 0.0310624934 -0.9569645563 -0.2885376224 10.9750121885 -0.2082631716 -0.2885376224 0.9345440021 1.5065333239 
# 
_struct_biol.id        1 
_struct_biol.details   ? 
# 
loop_
_struct_conf.conf_type_id 
_struct_conf.id 
_struct_conf.pdbx_PDB_helix_id 
_struct_conf.beg_label_comp_id 
_struct_conf.beg_label_asym_id 
_struct_conf.beg_label_seq_id 
_struct_conf.pdbx_beg_PDB_ins_code 
_struct_conf.end_label_comp_id 
_struct_conf.end_label_asym_id 
_struct_conf.end_label_seq_id 
_struct_conf.pdbx_end_PDB_ins_code 
_struct_conf.beg_auth_comp_id 
_struct_conf.beg_auth_asym_id 
_struct_conf.beg_auth_seq_id 
_struct_conf.end_auth_comp_id 
_struct_conf.end_auth_asym_id 
_struct_conf.end_auth_seq_id 
_struct_conf.pdbx_PDB_helix_class 
_struct_conf.details 
_struct_conf.pdbx_PDB_helix_length 
HELX_P HELX_P1 1 ASP A 7  ? HIS A 37 ? ASP A 7  HIS A 37 1 ? 31 
HELX_P HELX_P2 2 ASP A 44 ? ARG A 80 ? ASP A 44 ARG A 80 1 ? 37 
# 
_struct_conf_type.id          HELX_P 
_struct_conf_type.criteria    ? 
_struct_conf_type.reference   ? 
# 
loop_
_struct_conn.id 
_struct_conn.conn_type_id 
_struct_conn.pdbx_leaving_atom_flag 
_struct_conn.pdbx_PDB_id 
_struct_conn.ptnr1_label_asym_id 
_struct_conn.ptnr1_label_comp_id 
_struct_conn.ptnr1_label_seq_id 
_struct_conn.ptnr1_label_atom_id 
_struct_conn.pdbx_ptnr1_label_alt_id 
_struct_conn.pdbx_ptnr1_PDB_ins_code 
_struct_conn.pdbx_ptnr1_standard_comp_id 
_struct_conn.ptnr1_symmetry 
_struct_conn.ptnr2_label_asym_id 
_struct_conn.ptnr2_label_comp_id 
_struct_conn.ptnr2_label_seq_id 
_struct_conn.ptnr2_label_atom_id 
_struct_conn.pdbx_ptnr2_label_alt_id 
_struct_conn.pdbx_ptnr2_PDB_ins_code 
_struct_conn.ptnr1_auth_asym_id 
_struct_conn.ptnr1_auth_comp_id 
_struct_conn.ptnr1_auth_seq_id 
_struct_conn.ptnr2_auth_asym_id 
_struct_conn.ptnr2_auth_comp_id 
_struct_conn.ptnr2_auth_seq_id 
_struct_conn.ptnr2_symmetry 
_struct_conn.pdbx_ptnr3_label_atom_id 
_struct_conn.pdbx_ptnr3_label_seq_id 
_struct_conn.pdbx_ptnr3_label_comp_id 
_struct_conn.pdbx_ptnr3_label_asym_id 
_struct_conn.pdbx_ptnr3_label_alt_id 
_struct_conn.pdbx_ptnr3_PDB_ins_code 
_struct_conn.details 
_struct_conn.pdbx_dist_value 
_struct_conn.pdbx_value_order 
_struct_conn.pdbx_role 
covale1 covale both ? A GLN 5 C ? ? ? 1_555 A MSE 6 N ? ? A GLN 5 A MSE 6 1_555 ? ? ? ? ? ? ? 1.327 ? ? 
covale2 covale both ? A MSE 6 C ? ? ? 1_555 A ASP 7 N ? ? A MSE 6 A ASP 7 1_555 ? ? ? ? ? ? ? 1.333 ? ? 
# 
_struct_conn_type.id          covale 
_struct_conn_type.criteria    ? 
_struct_conn_type.reference   ? 
# 
_pdbx_modification_feature.ordinal                            1 
_pdbx_modification_feature.label_comp_id                      MSE 
_pdbx_modification_feature.label_asym_id                      A 
_pdbx_modification_feature.label_seq_id                       6 
_pdbx_modification_feature.label_alt_id                       ? 
_pdbx_modification_feature.modified_residue_label_comp_id     . 
_pdbx_modification_feature.modified_residue_label_asym_id     . 
_pdbx_modification_feature.modified_residue_label_seq_id      . 
_pdbx_modification_feature.modified_residue_label_alt_id      . 
_pdbx_modification_feature.auth_comp_id                       MSE 
_pdbx_modification_feature.auth_asym_id                       A 
_pdbx_modification_feature.auth_seq_id                        6 
_pdbx_modification_feature.PDB_ins_code                       ? 
_pdbx_modification_feature.symmetry                           1_555 
_pdbx_modification_feature.modified_residue_auth_comp_id      . 
_pdbx_modification_feature.modified_residue_auth_asym_id      . 
_pdbx_modification_feature.modified_residue_auth_seq_id       . 
_pdbx_modification_feature.modified_residue_PDB_ins_code      . 
_pdbx_modification_feature.modified_residue_symmetry          . 
_pdbx_modification_feature.comp_id_linking_atom               . 
_pdbx_modification_feature.modified_residue_id_linking_atom   . 
_pdbx_modification_feature.modified_residue_id                MET 
_pdbx_modification_feature.ref_pcm_id                         1 
_pdbx_modification_feature.ref_comp_id                        MSE 
_pdbx_modification_feature.type                               Selenomethionine 
_pdbx_modification_feature.category                           'Named protein modification' 
# 
_pdbx_entry_details.entry_id                   2GTS 
_pdbx_entry_details.compound_details           ? 
_pdbx_entry_details.source_details             ? 
_pdbx_entry_details.nonpolymer_details         ? 
_pdbx_entry_details.sequence_details           ? 
_pdbx_entry_details.has_ligand_of_interest     ? 
_pdbx_entry_details.has_protein_modification   Y 
# 
loop_
_pdbx_validate_close_contact.id 
_pdbx_validate_close_contact.PDB_model_num 
_pdbx_validate_close_contact.auth_atom_id_1 
_pdbx_validate_close_contact.auth_asym_id_1 
_pdbx_validate_close_contact.auth_comp_id_1 
_pdbx_validate_close_contact.auth_seq_id_1 
_pdbx_validate_close_contact.PDB_ins_code_1 
_pdbx_validate_close_contact.label_alt_id_1 
_pdbx_validate_close_contact.auth_atom_id_2 
_pdbx_validate_close_contact.auth_asym_id_2 
_pdbx_validate_close_contact.auth_comp_id_2 
_pdbx_validate_close_contact.auth_seq_id_2 
_pdbx_validate_close_contact.PDB_ins_code_2 
_pdbx_validate_close_contact.label_alt_id_2 
_pdbx_validate_close_contact.dist 
1 1 OG  A SER 41 ? ? O A HOH 87  ? ? 1.42 
2 1 OE1 A GLU 13 ? ? O A HOH 101 ? ? 2.19 
# 
loop_
_pdbx_validate_symm_contact.id 
_pdbx_validate_symm_contact.PDB_model_num 
_pdbx_validate_symm_contact.auth_atom_id_1 
_pdbx_validate_symm_contact.auth_asym_id_1 
_pdbx_validate_symm_contact.auth_comp_id_1 
_pdbx_validate_symm_contact.auth_seq_id_1 
_pdbx_validate_symm_contact.PDB_ins_code_1 
_pdbx_validate_symm_contact.label_alt_id_1 
_pdbx_validate_symm_contact.site_symmetry_1 
_pdbx_validate_symm_contact.auth_atom_id_2 
_pdbx_validate_symm_contact.auth_asym_id_2 
_pdbx_validate_symm_contact.auth_comp_id_2 
_pdbx_validate_symm_contact.auth_seq_id_2 
_pdbx_validate_symm_contact.PDB_ins_code_2 
_pdbx_validate_symm_contact.label_alt_id_2 
_pdbx_validate_symm_contact.site_symmetry_2 
_pdbx_validate_symm_contact.dist 
1 1 O A HOH 111 ? ? 1_555 O   A HOH 114 ? ? 3_564 2.04 
2 1 O A GLN 5   ? ? 1_555 ND2 A ASN 30  ? ? 3_564 2.14 
# 
_pdbx_validate_rmsd_bond.id                        1 
_pdbx_validate_rmsd_bond.PDB_model_num             1 
_pdbx_validate_rmsd_bond.auth_atom_id_1            C 
_pdbx_validate_rmsd_bond.auth_asym_id_1            A 
_pdbx_validate_rmsd_bond.auth_comp_id_1            ARG 
_pdbx_validate_rmsd_bond.auth_seq_id_1             80 
_pdbx_validate_rmsd_bond.PDB_ins_code_1            ? 
_pdbx_validate_rmsd_bond.label_alt_id_1            ? 
_pdbx_validate_rmsd_bond.auth_atom_id_2            O 
_pdbx_validate_rmsd_bond.auth_asym_id_2            A 
_pdbx_validate_rmsd_bond.auth_comp_id_2            ARG 
_pdbx_validate_rmsd_bond.auth_seq_id_2             80 
_pdbx_validate_rmsd_bond.PDB_ins_code_2            ? 
_pdbx_validate_rmsd_bond.label_alt_id_2            ? 
_pdbx_validate_rmsd_bond.bond_value                1.559 
_pdbx_validate_rmsd_bond.bond_target_value         1.229 
_pdbx_validate_rmsd_bond.bond_deviation            0.330 
_pdbx_validate_rmsd_bond.bond_standard_deviation   0.019 
_pdbx_validate_rmsd_bond.linker_flag               N 
# 
_pdbx_validate_rmsd_angle.id                         1 
_pdbx_validate_rmsd_angle.PDB_model_num              1 
_pdbx_validate_rmsd_angle.auth_atom_id_1             CA 
_pdbx_validate_rmsd_angle.auth_asym_id_1             A 
_pdbx_validate_rmsd_angle.auth_comp_id_1             ARG 
_pdbx_validate_rmsd_angle.auth_seq_id_1              80 
_pdbx_validate_rmsd_angle.PDB_ins_code_1             ? 
_pdbx_validate_rmsd_angle.label_alt_id_1             ? 
_pdbx_validate_rmsd_angle.auth_atom_id_2             C 
_pdbx_validate_rmsd_angle.auth_asym_id_2             A 
_pdbx_validate_rmsd_angle.auth_comp_id_2             ARG 
_pdbx_validate_rmsd_angle.auth_seq_id_2              80 
_pdbx_validate_rmsd_angle.PDB_ins_code_2             ? 
_pdbx_validate_rmsd_angle.label_alt_id_2             ? 
_pdbx_validate_rmsd_angle.auth_atom_id_3             O 
_pdbx_validate_rmsd_angle.auth_asym_id_3             A 
_pdbx_validate_rmsd_angle.auth_comp_id_3             ARG 
_pdbx_validate_rmsd_angle.auth_seq_id_3              80 
_pdbx_validate_rmsd_angle.PDB_ins_code_3             ? 
_pdbx_validate_rmsd_angle.label_alt_id_3             ? 
_pdbx_validate_rmsd_angle.angle_value                105.60 
_pdbx_validate_rmsd_angle.angle_target_value         120.10 
_pdbx_validate_rmsd_angle.angle_deviation            -14.50 
_pdbx_validate_rmsd_angle.angle_standard_deviation   2.10 
_pdbx_validate_rmsd_angle.linker_flag                N 
# 
loop_
_pdbx_validate_torsion.id 
_pdbx_validate_torsion.PDB_model_num 
_pdbx_validate_torsion.auth_comp_id 
_pdbx_validate_torsion.auth_asym_id 
_pdbx_validate_torsion.auth_seq_id 
_pdbx_validate_torsion.PDB_ins_code 
_pdbx_validate_torsion.label_alt_id 
_pdbx_validate_torsion.phi 
_pdbx_validate_torsion.psi 
1 1 GLN A 5  ? ? -94.68  -63.66 
2 1 ARG A 43 ? ? -155.62 27.27  
# 
_pdbx_validate_peptide_omega.id               1 
_pdbx_validate_peptide_omega.PDB_model_num    1 
_pdbx_validate_peptide_omega.auth_comp_id_1   ILE 
_pdbx_validate_peptide_omega.auth_asym_id_1   A 
_pdbx_validate_peptide_omega.auth_seq_id_1    79 
_pdbx_validate_peptide_omega.PDB_ins_code_1   ? 
_pdbx_validate_peptide_omega.label_alt_id_1   ? 
_pdbx_validate_peptide_omega.auth_comp_id_2   ARG 
_pdbx_validate_peptide_omega.auth_asym_id_2   A 
_pdbx_validate_peptide_omega.auth_seq_id_2    80 
_pdbx_validate_peptide_omega.PDB_ins_code_2   ? 
_pdbx_validate_peptide_omega.label_alt_id_2   ? 
_pdbx_validate_peptide_omega.omega            130.24 
# 
_pdbx_SG_project.id                    1 
_pdbx_SG_project.project_name          'PSI, Protein Structure Initiative' 
_pdbx_SG_project.full_name_of_center   'Midwest Center for Structural Genomics' 
_pdbx_SG_project.initial_of_center     MCSG 
# 
_pdbx_struct_mod_residue.id               1 
_pdbx_struct_mod_residue.label_asym_id    A 
_pdbx_struct_mod_residue.label_comp_id    MSE 
_pdbx_struct_mod_residue.label_seq_id     6 
_pdbx_struct_mod_residue.auth_asym_id     A 
_pdbx_struct_mod_residue.auth_comp_id     MSE 
_pdbx_struct_mod_residue.auth_seq_id      6 
_pdbx_struct_mod_residue.PDB_ins_code     ? 
_pdbx_struct_mod_residue.parent_comp_id   MET 
_pdbx_struct_mod_residue.details          SELENOMETHIONINE 
# 
_pdbx_refine_tls.id               1 
_pdbx_refine_tls.details          ? 
_pdbx_refine_tls.method           refined 
_pdbx_refine_tls.origin_x         -0.2127 
_pdbx_refine_tls.origin_y         0.2399 
_pdbx_refine_tls.origin_z         0.0225 
_pdbx_refine_tls.T[1][1]          -0.3893 
_pdbx_refine_tls.T[2][2]          -0.3660 
_pdbx_refine_tls.T[3][3]          -0.3209 
_pdbx_refine_tls.T[1][2]          -0.0001 
_pdbx_refine_tls.T[1][3]          -0.0057 
_pdbx_refine_tls.T[2][3]          -0.0978 
_pdbx_refine_tls.L[1][1]          11.3343 
_pdbx_refine_tls.L[2][2]          2.4541 
_pdbx_refine_tls.L[3][3]          2.9250 
_pdbx_refine_tls.L[1][2]          -1.7332 
_pdbx_refine_tls.L[1][3]          2.2869 
_pdbx_refine_tls.L[2][3]          -0.2724 
_pdbx_refine_tls.S[1][1]          0.4020 
_pdbx_refine_tls.S[1][2]          0.7807 
_pdbx_refine_tls.S[1][3]          -1.0003 
_pdbx_refine_tls.S[2][1]          -0.1332 
_pdbx_refine_tls.S[2][2]          -0.5023 
_pdbx_refine_tls.S[2][3]          -0.0318 
_pdbx_refine_tls.S[3][1]          0.1000 
_pdbx_refine_tls.S[3][2]          0.0706 
_pdbx_refine_tls.S[3][3]          0.1002 
_pdbx_refine_tls.pdbx_refine_id   'X-RAY DIFFRACTION' 
# 
_pdbx_refine_tls_group.id                  1 
_pdbx_refine_tls_group.refine_tls_id       1 
_pdbx_refine_tls_group.beg_auth_asym_id    A 
_pdbx_refine_tls_group.beg_auth_seq_id     5 
_pdbx_refine_tls_group.beg_label_asym_id   A 
_pdbx_refine_tls_group.beg_label_seq_id    5 
_pdbx_refine_tls_group.end_auth_asym_id    A 
_pdbx_refine_tls_group.end_auth_seq_id     80 
_pdbx_refine_tls_group.end_label_asym_id   A 
_pdbx_refine_tls_group.end_label_seq_id    80 
_pdbx_refine_tls_group.selection           ? 
_pdbx_refine_tls_group.pdbx_refine_id      'X-RAY DIFFRACTION' 
_pdbx_refine_tls_group.selection_details   ? 
# 
_pdbx_database_remark.id     300 
_pdbx_database_remark.text   
;BIOMOLECULE: 1 THIS ENTRY CONTAINS THE CRYSTALLOGRAPHIC
ASYMMETRIC UNIT WHICH CONSISTS OF 1 CHAIN. THE BIOLOGICAL
UNIT OF THIS PROTEIN IS UNKNOWN.
;
# 
loop_
_pdbx_unobs_or_zero_occ_residues.id 
_pdbx_unobs_or_zero_occ_residues.PDB_model_num 
_pdbx_unobs_or_zero_occ_residues.polymer_flag 
_pdbx_unobs_or_zero_occ_residues.occupancy_flag 
_pdbx_unobs_or_zero_occ_residues.auth_asym_id 
_pdbx_unobs_or_zero_occ_residues.auth_comp_id 
_pdbx_unobs_or_zero_occ_residues.auth_seq_id 
_pdbx_unobs_or_zero_occ_residues.PDB_ins_code 
_pdbx_unobs_or_zero_occ_residues.label_asym_id 
_pdbx_unobs_or_zero_occ_residues.label_comp_id 
_pdbx_unobs_or_zero_occ_residues.label_seq_id 
1 1 Y 1 A MSE 1  ? A MSE 1  
2 1 Y 1 A SER 2  ? A SER 2  
3 1 Y 1 A ARG 3  ? A ARG 3  
4 1 Y 1 A VAL 81 ? A VAL 81 
5 1 Y 1 A LEU 82 ? A LEU 82 
6 1 Y 1 A GLU 83 ? A GLU 83 
7 1 Y 1 A GLU 84 ? A GLU 84 
8 1 Y 1 A ASP 85 ? A ASP 85 
9 1 Y 1 A TYR 86 ? A TYR 86 
# 
loop_
_chem_comp_atom.comp_id 
_chem_comp_atom.atom_id 
_chem_comp_atom.type_symbol 
_chem_comp_atom.pdbx_aromatic_flag 
_chem_comp_atom.pdbx_stereo_config 
_chem_comp_atom.pdbx_ordinal 
ALA N    N  N N 1   
ALA CA   C  N S 2   
ALA C    C  N N 3   
ALA O    O  N N 4   
ALA CB   C  N N 5   
ALA OXT  O  N N 6   
ALA H    H  N N 7   
ALA H2   H  N N 8   
ALA HA   H  N N 9   
ALA HB1  H  N N 10  
ALA HB2  H  N N 11  
ALA HB3  H  N N 12  
ALA HXT  H  N N 13  
ARG N    N  N N 14  
ARG CA   C  N S 15  
ARG C    C  N N 16  
ARG O    O  N N 17  
ARG CB   C  N N 18  
ARG CG   C  N N 19  
ARG CD   C  N N 20  
ARG NE   N  N N 21  
ARG CZ   C  N N 22  
ARG NH1  N  N N 23  
ARG NH2  N  N N 24  
ARG OXT  O  N N 25  
ARG H    H  N N 26  
ARG H2   H  N N 27  
ARG HA   H  N N 28  
ARG HB2  H  N N 29  
ARG HB3  H  N N 30  
ARG HG2  H  N N 31  
ARG HG3  H  N N 32  
ARG HD2  H  N N 33  
ARG HD3  H  N N 34  
ARG HE   H  N N 35  
ARG HH11 H  N N 36  
ARG HH12 H  N N 37  
ARG HH21 H  N N 38  
ARG HH22 H  N N 39  
ARG HXT  H  N N 40  
ASN N    N  N N 41  
ASN CA   C  N S 42  
ASN C    C  N N 43  
ASN O    O  N N 44  
ASN CB   C  N N 45  
ASN CG   C  N N 46  
ASN OD1  O  N N 47  
ASN ND2  N  N N 48  
ASN OXT  O  N N 49  
ASN H    H  N N 50  
ASN H2   H  N N 51  
ASN HA   H  N N 52  
ASN HB2  H  N N 53  
ASN HB3  H  N N 54  
ASN HD21 H  N N 55  
ASN HD22 H  N N 56  
ASN HXT  H  N N 57  
ASP N    N  N N 58  
ASP CA   C  N S 59  
ASP C    C  N N 60  
ASP O    O  N N 61  
ASP CB   C  N N 62  
ASP CG   C  N N 63  
ASP OD1  O  N N 64  
ASP OD2  O  N N 65  
ASP OXT  O  N N 66  
ASP H    H  N N 67  
ASP H2   H  N N 68  
ASP HA   H  N N 69  
ASP HB2  H  N N 70  
ASP HB3  H  N N 71  
ASP HD2  H  N N 72  
ASP HXT  H  N N 73  
GLN N    N  N N 74  
GLN CA   C  N S 75  
GLN C    C  N N 76  
GLN O    O  N N 77  
GLN CB   C  N N 78  
GLN CG   C  N N 79  
GLN CD   C  N N 80  
GLN OE1  O  N N 81  
GLN NE2  N  N N 82  
GLN OXT  O  N N 83  
GLN H    H  N N 84  
GLN H2   H  N N 85  
GLN HA   H  N N 86  
GLN HB2  H  N N 87  
GLN HB3  H  N N 88  
GLN HG2  H  N N 89  
GLN HG3  H  N N 90  
GLN HE21 H  N N 91  
GLN HE22 H  N N 92  
GLN HXT  H  N N 93  
GLU N    N  N N 94  
GLU CA   C  N S 95  
GLU C    C  N N 96  
GLU O    O  N N 97  
GLU CB   C  N N 98  
GLU CG   C  N N 99  
GLU CD   C  N N 100 
GLU OE1  O  N N 101 
GLU OE2  O  N N 102 
GLU OXT  O  N N 103 
GLU H    H  N N 104 
GLU H2   H  N N 105 
GLU HA   H  N N 106 
GLU HB2  H  N N 107 
GLU HB3  H  N N 108 
GLU HG2  H  N N 109 
GLU HG3  H  N N 110 
GLU HE2  H  N N 111 
GLU HXT  H  N N 112 
GLY N    N  N N 113 
GLY CA   C  N N 114 
GLY C    C  N N 115 
GLY O    O  N N 116 
GLY OXT  O  N N 117 
GLY H    H  N N 118 
GLY H2   H  N N 119 
GLY HA2  H  N N 120 
GLY HA3  H  N N 121 
GLY HXT  H  N N 122 
HIS N    N  N N 123 
HIS CA   C  N S 124 
HIS C    C  N N 125 
HIS O    O  N N 126 
HIS CB   C  N N 127 
HIS CG   C  Y N 128 
HIS ND1  N  Y N 129 
HIS CD2  C  Y N 130 
HIS CE1  C  Y N 131 
HIS NE2  N  Y N 132 
HIS OXT  O  N N 133 
HIS H    H  N N 134 
HIS H2   H  N N 135 
HIS HA   H  N N 136 
HIS HB2  H  N N 137 
HIS HB3  H  N N 138 
HIS HD1  H  N N 139 
HIS HD2  H  N N 140 
HIS HE1  H  N N 141 
HIS HE2  H  N N 142 
HIS HXT  H  N N 143 
HOH O    O  N N 144 
HOH H1   H  N N 145 
HOH H2   H  N N 146 
ILE N    N  N N 147 
ILE CA   C  N S 148 
ILE C    C  N N 149 
ILE O    O  N N 150 
ILE CB   C  N S 151 
ILE CG1  C  N N 152 
ILE CG2  C  N N 153 
ILE CD1  C  N N 154 
ILE OXT  O  N N 155 
ILE H    H  N N 156 
ILE H2   H  N N 157 
ILE HA   H  N N 158 
ILE HB   H  N N 159 
ILE HG12 H  N N 160 
ILE HG13 H  N N 161 
ILE HG21 H  N N 162 
ILE HG22 H  N N 163 
ILE HG23 H  N N 164 
ILE HD11 H  N N 165 
ILE HD12 H  N N 166 
ILE HD13 H  N N 167 
ILE HXT  H  N N 168 
LEU N    N  N N 169 
LEU CA   C  N S 170 
LEU C    C  N N 171 
LEU O    O  N N 172 
LEU CB   C  N N 173 
LEU CG   C  N N 174 
LEU CD1  C  N N 175 
LEU CD2  C  N N 176 
LEU OXT  O  N N 177 
LEU H    H  N N 178 
LEU H2   H  N N 179 
LEU HA   H  N N 180 
LEU HB2  H  N N 181 
LEU HB3  H  N N 182 
LEU HG   H  N N 183 
LEU HD11 H  N N 184 
LEU HD12 H  N N 185 
LEU HD13 H  N N 186 
LEU HD21 H  N N 187 
LEU HD22 H  N N 188 
LEU HD23 H  N N 189 
LEU HXT  H  N N 190 
LYS N    N  N N 191 
LYS CA   C  N S 192 
LYS C    C  N N 193 
LYS O    O  N N 194 
LYS CB   C  N N 195 
LYS CG   C  N N 196 
LYS CD   C  N N 197 
LYS CE   C  N N 198 
LYS NZ   N  N N 199 
LYS OXT  O  N N 200 
LYS H    H  N N 201 
LYS H2   H  N N 202 
LYS HA   H  N N 203 
LYS HB2  H  N N 204 
LYS HB3  H  N N 205 
LYS HG2  H  N N 206 
LYS HG3  H  N N 207 
LYS HD2  H  N N 208 
LYS HD3  H  N N 209 
LYS HE2  H  N N 210 
LYS HE3  H  N N 211 
LYS HZ1  H  N N 212 
LYS HZ2  H  N N 213 
LYS HZ3  H  N N 214 
LYS HXT  H  N N 215 
MSE N    N  N N 216 
MSE CA   C  N S 217 
MSE C    C  N N 218 
MSE O    O  N N 219 
MSE OXT  O  N N 220 
MSE CB   C  N N 221 
MSE CG   C  N N 222 
MSE SE   SE N N 223 
MSE CE   C  N N 224 
MSE H    H  N N 225 
MSE H2   H  N N 226 
MSE HA   H  N N 227 
MSE HXT  H  N N 228 
MSE HB2  H  N N 229 
MSE HB3  H  N N 230 
MSE HG2  H  N N 231 
MSE HG3  H  N N 232 
MSE HE1  H  N N 233 
MSE HE2  H  N N 234 
MSE HE3  H  N N 235 
PHE N    N  N N 236 
PHE CA   C  N S 237 
PHE C    C  N N 238 
PHE O    O  N N 239 
PHE CB   C  N N 240 
PHE CG   C  Y N 241 
PHE CD1  C  Y N 242 
PHE CD2  C  Y N 243 
PHE CE1  C  Y N 244 
PHE CE2  C  Y N 245 
PHE CZ   C  Y N 246 
PHE OXT  O  N N 247 
PHE H    H  N N 248 
PHE H2   H  N N 249 
PHE HA   H  N N 250 
PHE HB2  H  N N 251 
PHE HB3  H  N N 252 
PHE HD1  H  N N 253 
PHE HD2  H  N N 254 
PHE HE1  H  N N 255 
PHE HE2  H  N N 256 
PHE HZ   H  N N 257 
PHE HXT  H  N N 258 
SER N    N  N N 259 
SER CA   C  N S 260 
SER C    C  N N 261 
SER O    O  N N 262 
SER CB   C  N N 263 
SER OG   O  N N 264 
SER OXT  O  N N 265 
SER H    H  N N 266 
SER H2   H  N N 267 
SER HA   H  N N 268 
SER HB2  H  N N 269 
SER HB3  H  N N 270 
SER HG   H  N N 271 
SER HXT  H  N N 272 
THR N    N  N N 273 
THR CA   C  N S 274 
THR C    C  N N 275 
THR O    O  N N 276 
THR CB   C  N R 277 
THR OG1  O  N N 278 
THR CG2  C  N N 279 
THR OXT  O  N N 280 
THR H    H  N N 281 
THR H2   H  N N 282 
THR HA   H  N N 283 
THR HB   H  N N 284 
THR HG1  H  N N 285 
THR HG21 H  N N 286 
THR HG22 H  N N 287 
THR HG23 H  N N 288 
THR HXT  H  N N 289 
TRP N    N  N N 290 
TRP CA   C  N S 291 
TRP C    C  N N 292 
TRP O    O  N N 293 
TRP CB   C  N N 294 
TRP CG   C  Y N 295 
TRP CD1  C  Y N 296 
TRP CD2  C  Y N 297 
TRP NE1  N  Y N 298 
TRP CE2  C  Y N 299 
TRP CE3  C  Y N 300 
TRP CZ2  C  Y N 301 
TRP CZ3  C  Y N 302 
TRP CH2  C  Y N 303 
TRP OXT  O  N N 304 
TRP H    H  N N 305 
TRP H2   H  N N 306 
TRP HA   H  N N 307 
TRP HB2  H  N N 308 
TRP HB3  H  N N 309 
TRP HD1  H  N N 310 
TRP HE1  H  N N 311 
TRP HE3  H  N N 312 
TRP HZ2  H  N N 313 
TRP HZ3  H  N N 314 
TRP HH2  H  N N 315 
TRP HXT  H  N N 316 
TYR N    N  N N 317 
TYR CA   C  N S 318 
TYR C    C  N N 319 
TYR O    O  N N 320 
TYR CB   C  N N 321 
TYR CG   C  Y N 322 
TYR CD1  C  Y N 323 
TYR CD2  C  Y N 324 
TYR CE1  C  Y N 325 
TYR CE2  C  Y N 326 
TYR CZ   C  Y N 327 
TYR OH   O  N N 328 
TYR OXT  O  N N 329 
TYR H    H  N N 330 
TYR H2   H  N N 331 
TYR HA   H  N N 332 
TYR HB2  H  N N 333 
TYR HB3  H  N N 334 
TYR HD1  H  N N 335 
TYR HD2  H  N N 336 
TYR HE1  H  N N 337 
TYR HE2  H  N N 338 
TYR HH   H  N N 339 
TYR HXT  H  N N 340 
VAL N    N  N N 341 
VAL CA   C  N S 342 
VAL C    C  N N 343 
VAL O    O  N N 344 
VAL CB   C  N N 345 
VAL CG1  C  N N 346 
VAL CG2  C  N N 347 
VAL OXT  O  N N 348 
VAL H    H  N N 349 
VAL H2   H  N N 350 
VAL HA   H  N N 351 
VAL HB   H  N N 352 
VAL HG11 H  N N 353 
VAL HG12 H  N N 354 
VAL HG13 H  N N 355 
VAL HG21 H  N N 356 
VAL HG22 H  N N 357 
VAL HG23 H  N N 358 
VAL HXT  H  N N 359 
# 
loop_
_chem_comp_bond.comp_id 
_chem_comp_bond.atom_id_1 
_chem_comp_bond.atom_id_2 
_chem_comp_bond.value_order 
_chem_comp_bond.pdbx_aromatic_flag 
_chem_comp_bond.pdbx_stereo_config 
_chem_comp_bond.pdbx_ordinal 
ALA N   CA   sing N N 1   
ALA N   H    sing N N 2   
ALA N   H2   sing N N 3   
ALA CA  C    sing N N 4   
ALA CA  CB   sing N N 5   
ALA CA  HA   sing N N 6   
ALA C   O    doub N N 7   
ALA C   OXT  sing N N 8   
ALA CB  HB1  sing N N 9   
ALA CB  HB2  sing N N 10  
ALA CB  HB3  sing N N 11  
ALA OXT HXT  sing N N 12  
ARG N   CA   sing N N 13  
ARG N   H    sing N N 14  
ARG N   H2   sing N N 15  
ARG CA  C    sing N N 16  
ARG CA  CB   sing N N 17  
ARG CA  HA   sing N N 18  
ARG C   O    doub N N 19  
ARG C   OXT  sing N N 20  
ARG CB  CG   sing N N 21  
ARG CB  HB2  sing N N 22  
ARG CB  HB3  sing N N 23  
ARG CG  CD   sing N N 24  
ARG CG  HG2  sing N N 25  
ARG CG  HG3  sing N N 26  
ARG CD  NE   sing N N 27  
ARG CD  HD2  sing N N 28  
ARG CD  HD3  sing N N 29  
ARG NE  CZ   sing N N 30  
ARG NE  HE   sing N N 31  
ARG CZ  NH1  sing N N 32  
ARG CZ  NH2  doub N N 33  
ARG NH1 HH11 sing N N 34  
ARG NH1 HH12 sing N N 35  
ARG NH2 HH21 sing N N 36  
ARG NH2 HH22 sing N N 37  
ARG OXT HXT  sing N N 38  
ASN N   CA   sing N N 39  
ASN N   H    sing N N 40  
ASN N   H2   sing N N 41  
ASN CA  C    sing N N 42  
ASN CA  CB   sing N N 43  
ASN CA  HA   sing N N 44  
ASN C   O    doub N N 45  
ASN C   OXT  sing N N 46  
ASN CB  CG   sing N N 47  
ASN CB  HB2  sing N N 48  
ASN CB  HB3  sing N N 49  
ASN CG  OD1  doub N N 50  
ASN CG  ND2  sing N N 51  
ASN ND2 HD21 sing N N 52  
ASN ND2 HD22 sing N N 53  
ASN OXT HXT  sing N N 54  
ASP N   CA   sing N N 55  
ASP N   H    sing N N 56  
ASP N   H2   sing N N 57  
ASP CA  C    sing N N 58  
ASP CA  CB   sing N N 59  
ASP CA  HA   sing N N 60  
ASP C   O    doub N N 61  
ASP C   OXT  sing N N 62  
ASP CB  CG   sing N N 63  
ASP CB  HB2  sing N N 64  
ASP CB  HB3  sing N N 65  
ASP CG  OD1  doub N N 66  
ASP CG  OD2  sing N N 67  
ASP OD2 HD2  sing N N 68  
ASP OXT HXT  sing N N 69  
GLN N   CA   sing N N 70  
GLN N   H    sing N N 71  
GLN N   H2   sing N N 72  
GLN CA  C    sing N N 73  
GLN CA  CB   sing N N 74  
GLN CA  HA   sing N N 75  
GLN C   O    doub N N 76  
GLN C   OXT  sing N N 77  
GLN CB  CG   sing N N 78  
GLN CB  HB2  sing N N 79  
GLN CB  HB3  sing N N 80  
GLN CG  CD   sing N N 81  
GLN CG  HG2  sing N N 82  
GLN CG  HG3  sing N N 83  
GLN CD  OE1  doub N N 84  
GLN CD  NE2  sing N N 85  
GLN NE2 HE21 sing N N 86  
GLN NE2 HE22 sing N N 87  
GLN OXT HXT  sing N N 88  
GLU N   CA   sing N N 89  
GLU N   H    sing N N 90  
GLU N   H2   sing N N 91  
GLU CA  C    sing N N 92  
GLU CA  CB   sing N N 93  
GLU CA  HA   sing N N 94  
GLU C   O    doub N N 95  
GLU C   OXT  sing N N 96  
GLU CB  CG   sing N N 97  
GLU CB  HB2  sing N N 98  
GLU CB  HB3  sing N N 99  
GLU CG  CD   sing N N 100 
GLU CG  HG2  sing N N 101 
GLU CG  HG3  sing N N 102 
GLU CD  OE1  doub N N 103 
GLU CD  OE2  sing N N 104 
GLU OE2 HE2  sing N N 105 
GLU OXT HXT  sing N N 106 
GLY N   CA   sing N N 107 
GLY N   H    sing N N 108 
GLY N   H2   sing N N 109 
GLY CA  C    sing N N 110 
GLY CA  HA2  sing N N 111 
GLY CA  HA3  sing N N 112 
GLY C   O    doub N N 113 
GLY C   OXT  sing N N 114 
GLY OXT HXT  sing N N 115 
HIS N   CA   sing N N 116 
HIS N   H    sing N N 117 
HIS N   H2   sing N N 118 
HIS CA  C    sing N N 119 
HIS CA  CB   sing N N 120 
HIS CA  HA   sing N N 121 
HIS C   O    doub N N 122 
HIS C   OXT  sing N N 123 
HIS CB  CG   sing N N 124 
HIS CB  HB2  sing N N 125 
HIS CB  HB3  sing N N 126 
HIS CG  ND1  sing Y N 127 
HIS CG  CD2  doub Y N 128 
HIS ND1 CE1  doub Y N 129 
HIS ND1 HD1  sing N N 130 
HIS CD2 NE2  sing Y N 131 
HIS CD2 HD2  sing N N 132 
HIS CE1 NE2  sing Y N 133 
HIS CE1 HE1  sing N N 134 
HIS NE2 HE2  sing N N 135 
HIS OXT HXT  sing N N 136 
HOH O   H1   sing N N 137 
HOH O   H2   sing N N 138 
ILE N   CA   sing N N 139 
ILE N   H    sing N N 140 
ILE N   H2   sing N N 141 
ILE CA  C    sing N N 142 
ILE CA  CB   sing N N 143 
ILE CA  HA   sing N N 144 
ILE C   O    doub N N 145 
ILE C   OXT  sing N N 146 
ILE CB  CG1  sing N N 147 
ILE CB  CG2  sing N N 148 
ILE CB  HB   sing N N 149 
ILE CG1 CD1  sing N N 150 
ILE CG1 HG12 sing N N 151 
ILE CG1 HG13 sing N N 152 
ILE CG2 HG21 sing N N 153 
ILE CG2 HG22 sing N N 154 
ILE CG2 HG23 sing N N 155 
ILE CD1 HD11 sing N N 156 
ILE CD1 HD12 sing N N 157 
ILE CD1 HD13 sing N N 158 
ILE OXT HXT  sing N N 159 
LEU N   CA   sing N N 160 
LEU N   H    sing N N 161 
LEU N   H2   sing N N 162 
LEU CA  C    sing N N 163 
LEU CA  CB   sing N N 164 
LEU CA  HA   sing N N 165 
LEU C   O    doub N N 166 
LEU C   OXT  sing N N 167 
LEU CB  CG   sing N N 168 
LEU CB  HB2  sing N N 169 
LEU CB  HB3  sing N N 170 
LEU CG  CD1  sing N N 171 
LEU CG  CD2  sing N N 172 
LEU CG  HG   sing N N 173 
LEU CD1 HD11 sing N N 174 
LEU CD1 HD12 sing N N 175 
LEU CD1 HD13 sing N N 176 
LEU CD2 HD21 sing N N 177 
LEU CD2 HD22 sing N N 178 
LEU CD2 HD23 sing N N 179 
LEU OXT HXT  sing N N 180 
LYS N   CA   sing N N 181 
LYS N   H    sing N N 182 
LYS N   H2   sing N N 183 
LYS CA  C    sing N N 184 
LYS CA  CB   sing N N 185 
LYS CA  HA   sing N N 186 
LYS C   O    doub N N 187 
LYS C   OXT  sing N N 188 
LYS CB  CG   sing N N 189 
LYS CB  HB2  sing N N 190 
LYS CB  HB3  sing N N 191 
LYS CG  CD   sing N N 192 
LYS CG  HG2  sing N N 193 
LYS CG  HG3  sing N N 194 
LYS CD  CE   sing N N 195 
LYS CD  HD2  sing N N 196 
LYS CD  HD3  sing N N 197 
LYS CE  NZ   sing N N 198 
LYS CE  HE2  sing N N 199 
LYS CE  HE3  sing N N 200 
LYS NZ  HZ1  sing N N 201 
LYS NZ  HZ2  sing N N 202 
LYS NZ  HZ3  sing N N 203 
LYS OXT HXT  sing N N 204 
MSE N   CA   sing N N 205 
MSE N   H    sing N N 206 
MSE N   H2   sing N N 207 
MSE CA  C    sing N N 208 
MSE CA  CB   sing N N 209 
MSE CA  HA   sing N N 210 
MSE C   O    doub N N 211 
MSE C   OXT  sing N N 212 
MSE OXT HXT  sing N N 213 
MSE CB  CG   sing N N 214 
MSE CB  HB2  sing N N 215 
MSE CB  HB3  sing N N 216 
MSE CG  SE   sing N N 217 
MSE CG  HG2  sing N N 218 
MSE CG  HG3  sing N N 219 
MSE SE  CE   sing N N 220 
MSE CE  HE1  sing N N 221 
MSE CE  HE2  sing N N 222 
MSE CE  HE3  sing N N 223 
PHE N   CA   sing N N 224 
PHE N   H    sing N N 225 
PHE N   H2   sing N N 226 
PHE CA  C    sing N N 227 
PHE CA  CB   sing N N 228 
PHE CA  HA   sing N N 229 
PHE C   O    doub N N 230 
PHE C   OXT  sing N N 231 
PHE CB  CG   sing N N 232 
PHE CB  HB2  sing N N 233 
PHE CB  HB3  sing N N 234 
PHE CG  CD1  doub Y N 235 
PHE CG  CD2  sing Y N 236 
PHE CD1 CE1  sing Y N 237 
PHE CD1 HD1  sing N N 238 
PHE CD2 CE2  doub Y N 239 
PHE CD2 HD2  sing N N 240 
PHE CE1 CZ   doub Y N 241 
PHE CE1 HE1  sing N N 242 
PHE CE2 CZ   sing Y N 243 
PHE CE2 HE2  sing N N 244 
PHE CZ  HZ   sing N N 245 
PHE OXT HXT  sing N N 246 
SER N   CA   sing N N 247 
SER N   H    sing N N 248 
SER N   H2   sing N N 249 
SER CA  C    sing N N 250 
SER CA  CB   sing N N 251 
SER CA  HA   sing N N 252 
SER C   O    doub N N 253 
SER C   OXT  sing N N 254 
SER CB  OG   sing N N 255 
SER CB  HB2  sing N N 256 
SER CB  HB3  sing N N 257 
SER OG  HG   sing N N 258 
SER OXT HXT  sing N N 259 
THR N   CA   sing N N 260 
THR N   H    sing N N 261 
THR N   H2   sing N N 262 
THR CA  C    sing N N 263 
THR CA  CB   sing N N 264 
THR CA  HA   sing N N 265 
THR C   O    doub N N 266 
THR C   OXT  sing N N 267 
THR CB  OG1  sing N N 268 
THR CB  CG2  sing N N 269 
THR CB  HB   sing N N 270 
THR OG1 HG1  sing N N 271 
THR CG2 HG21 sing N N 272 
THR CG2 HG22 sing N N 273 
THR CG2 HG23 sing N N 274 
THR OXT HXT  sing N N 275 
TRP N   CA   sing N N 276 
TRP N   H    sing N N 277 
TRP N   H2   sing N N 278 
TRP CA  C    sing N N 279 
TRP CA  CB   sing N N 280 
TRP CA  HA   sing N N 281 
TRP C   O    doub N N 282 
TRP C   OXT  sing N N 283 
TRP CB  CG   sing N N 284 
TRP CB  HB2  sing N N 285 
TRP CB  HB3  sing N N 286 
TRP CG  CD1  doub Y N 287 
TRP CG  CD2  sing Y N 288 
TRP CD1 NE1  sing Y N 289 
TRP CD1 HD1  sing N N 290 
TRP CD2 CE2  doub Y N 291 
TRP CD2 CE3  sing Y N 292 
TRP NE1 CE2  sing Y N 293 
TRP NE1 HE1  sing N N 294 
TRP CE2 CZ2  sing Y N 295 
TRP CE3 CZ3  doub Y N 296 
TRP CE3 HE3  sing N N 297 
TRP CZ2 CH2  doub Y N 298 
TRP CZ2 HZ2  sing N N 299 
TRP CZ3 CH2  sing Y N 300 
TRP CZ3 HZ3  sing N N 301 
TRP CH2 HH2  sing N N 302 
TRP OXT HXT  sing N N 303 
TYR N   CA   sing N N 304 
TYR N   H    sing N N 305 
TYR N   H2   sing N N 306 
TYR CA  C    sing N N 307 
TYR CA  CB   sing N N 308 
TYR CA  HA   sing N N 309 
TYR C   O    doub N N 310 
TYR C   OXT  sing N N 311 
TYR CB  CG   sing N N 312 
TYR CB  HB2  sing N N 313 
TYR CB  HB3  sing N N 314 
TYR CG  CD1  doub Y N 315 
TYR CG  CD2  sing Y N 316 
TYR CD1 CE1  sing Y N 317 
TYR CD1 HD1  sing N N 318 
TYR CD2 CE2  doub Y N 319 
TYR CD2 HD2  sing N N 320 
TYR CE1 CZ   doub Y N 321 
TYR CE1 HE1  sing N N 322 
TYR CE2 CZ   sing Y N 323 
TYR CE2 HE2  sing N N 324 
TYR CZ  OH   sing N N 325 
TYR OH  HH   sing N N 326 
TYR OXT HXT  sing N N 327 
VAL N   CA   sing N N 328 
VAL N   H    sing N N 329 
VAL N   H2   sing N N 330 
VAL CA  C    sing N N 331 
VAL CA  CB   sing N N 332 
VAL CA  HA   sing N N 333 
VAL C   O    doub N N 334 
VAL C   OXT  sing N N 335 
VAL CB  CG1  sing N N 336 
VAL CB  CG2  sing N N 337 
VAL CB  HB   sing N N 338 
VAL CG1 HG11 sing N N 339 
VAL CG1 HG12 sing N N 340 
VAL CG1 HG13 sing N N 341 
VAL CG2 HG21 sing N N 342 
VAL CG2 HG22 sing N N 343 
VAL CG2 HG23 sing N N 344 
VAL OXT HXT  sing N N 345 
# 
_atom_sites.entry_id                    2GTS 
_atom_sites.fract_transf_matrix[1][1]   -0.00367629 
_atom_sites.fract_transf_matrix[1][2]   0.01510650 
_atom_sites.fract_transf_matrix[1][3]   -0.02151998 
_atom_sites.fract_transf_matrix[2][1]   0.00854491 
_atom_sites.fract_transf_matrix[2][2]   -0.00836105 
_atom_sites.fract_transf_matrix[2][3]   -0.02370500 
_atom_sites.fract_transf_matrix[3][1]   -0.00902746 
_atom_sites.fract_transf_matrix[3][2]   -0.00454759 
_atom_sites.fract_transf_matrix[3][3]   -0.00165012 
_atom_sites.fract_transf_vector[1]      0.383752 
_atom_sites.fract_transf_vector[2]      0.521586 
_atom_sites.fract_transf_vector[3]      0.020731 
# 
loop_
_atom_type.symbol 
C  
N  
O  
SE 
# 
loop_
_atom_site.group_PDB 
_atom_site.id 
_atom_site.type_symbol 
_atom_site.label_atom_id 
_atom_site.label_alt_id 
_atom_site.label_comp_id 
_atom_site.label_asym_id 
_atom_site.label_entity_id 
_atom_site.label_seq_id 
_atom_site.pdbx_PDB_ins_code 
_atom_site.Cartn_x 
_atom_site.Cartn_y 
_atom_site.Cartn_z 
_atom_site.occupancy 
_atom_site.B_iso_or_equiv 
_atom_site.pdbx_formal_charge 
_atom_site.auth_seq_id 
_atom_site.auth_comp_id 
_atom_site.auth_asym_id 
_atom_site.auth_atom_id 
_atom_site.pdbx_PDB_model_num 
ATOM   1   N  N   . VAL A 1 4  ? 30.606  -10.725 5.063   1.00 72.12  ? 4   VAL A N   1 
ATOM   2   C  CA  . VAL A 1 4  ? 29.260  -10.574 4.420   1.00 71.58  ? 4   VAL A CA  1 
ATOM   3   C  C   . VAL A 1 4  ? 29.183  -9.099  3.890   1.00 71.44  ? 4   VAL A C   1 
ATOM   4   O  O   . VAL A 1 4  ? 29.901  -8.274  4.425   1.00 72.07  ? 4   VAL A O   1 
ATOM   5   C  CB  . VAL A 1 4  ? 28.099  -11.102 5.410   1.00 72.09  ? 4   VAL A CB  1 
ATOM   6   C  CG1 . VAL A 1 4  ? 28.162  -12.658 5.650   1.00 72.38  ? 4   VAL A CG1 1 
ATOM   7   C  CG2 . VAL A 1 4  ? 28.197  -10.504 6.742   1.00 71.98  ? 4   VAL A CG2 1 
ATOM   8   N  N   . GLN A 1 5  ? 28.435  -8.755  2.826   1.00 70.65  ? 5   GLN A N   1 
ATOM   9   C  CA  . GLN A 1 5  ? 28.384  -7.324  2.408   1.00 69.59  ? 5   GLN A CA  1 
ATOM   10  C  C   . GLN A 1 5  ? 27.214  -6.566  2.979   1.00 68.02  ? 5   GLN A C   1 
ATOM   11  O  O   . GLN A 1 5  ? 27.425  -5.608  3.707   1.00 69.12  ? 5   GLN A O   1 
ATOM   12  C  CB  . GLN A 1 5  ? 28.444  -7.067  0.901   1.00 69.83  ? 5   GLN A CB  1 
ATOM   13  C  CG  . GLN A 1 5  ? 28.583  -5.538  0.572   1.00 70.81  ? 5   GLN A CG  1 
ATOM   14  C  CD  . GLN A 1 5  ? 29.919  -4.866  1.082   1.00 71.44  ? 5   GLN A CD  1 
ATOM   15  O  OE1 . GLN A 1 5  ? 31.016  -5.259  0.689   1.00 72.08  ? 5   GLN A OE1 1 
ATOM   16  N  NE2 . GLN A 1 5  ? 29.796  -3.836  1.928   1.00 70.58  ? 5   GLN A NE2 1 
HETATM 17  N  N   . MSE A 1 6  ? 26.000  -6.960  2.614   1.00 64.82  ? 6   MSE A N   1 
HETATM 18  C  CA  . MSE A 1 6  ? 24.765  -6.525  3.261   1.00 62.89  ? 6   MSE A CA  1 
HETATM 19  C  C   . MSE A 1 6  ? 24.824  -6.654  4.809   1.00 59.16  ? 6   MSE A C   1 
HETATM 20  O  O   . MSE A 1 6  ? 25.442  -7.578  5.331   1.00 56.93  ? 6   MSE A O   1 
HETATM 21  C  CB  . MSE A 1 6  ? 23.636  -7.398  2.681   1.00 62.31  ? 6   MSE A CB  1 
HETATM 22  C  CG  . MSE A 1 6  ? 22.276  -6.988  2.994   1.00 65.25  ? 6   MSE A CG  1 
HETATM 23  SE SE  . MSE A 1 6  ? 20.940  -7.465  1.798   1.00 66.91  ? 6   MSE A SE  1 
HETATM 24  C  CE  . MSE A 1 6  ? 21.100  -6.090  0.642   1.00 63.79  ? 6   MSE A CE  1 
ATOM   25  N  N   . ASP A 1 7  ? 24.178  -5.733  5.523   1.00 55.81  ? 7   ASP A N   1 
ATOM   26  C  CA  . ASP A 1 7  ? 24.048  -5.814  6.982   1.00 54.29  ? 7   ASP A CA  1 
ATOM   27  C  C   . ASP A 1 7  ? 22.671  -6.398  7.280   1.00 52.64  ? 7   ASP A C   1 
ATOM   28  O  O   . ASP A 1 7  ? 21.667  -5.700  7.182   1.00 51.57  ? 7   ASP A O   1 
ATOM   29  C  CB  . ASP A 1 7  ? 24.131  -4.414  7.591   1.00 55.06  ? 7   ASP A CB  1 
ATOM   30  C  CG  . ASP A 1 7  ? 23.869  -4.375  9.107   1.00 55.86  ? 7   ASP A CG  1 
ATOM   31  O  OD1 . ASP A 1 7  ? 23.231  -5.276  9.674   1.00 56.03  ? 7   ASP A OD1 1 
ATOM   32  O  OD2 . ASP A 1 7  ? 24.248  -3.386  9.756   1.00 56.55  ? 7   ASP A OD2 1 
ATOM   33  N  N   . THR A 1 8  ? 22.614  -7.674  7.661   1.00 51.15  ? 8   THR A N   1 
ATOM   34  C  CA  . THR A 1 8  ? 21.323  -8.394  7.692   1.00 49.39  ? 8   THR A CA  1 
ATOM   35  C  C   . THR A 1 8  ? 20.407  -7.889  8.780   1.00 50.33  ? 8   THR A C   1 
ATOM   36  O  O   . THR A 1 8  ? 19.220  -7.877  8.604   1.00 51.43  ? 8   THR A O   1 
ATOM   37  C  CB  . THR A 1 8  ? 21.501  -9.932  7.819   1.00 48.46  ? 8   THR A CB  1 
ATOM   38  O  OG1 . THR A 1 8  ? 22.113  -10.220 9.056   1.00 45.76  ? 8   THR A OG1 1 
ATOM   39  C  CG2 . THR A 1 8  ? 22.352  -10.465 6.739   1.00 43.29  ? 8   THR A CG2 1 
ATOM   40  N  N   . GLU A 1 9  ? 20.944  -7.451  9.908   1.00 52.38  ? 9   GLU A N   1 
ATOM   41  C  CA  . GLU A 1 9  ? 20.078  -6.873  10.948  1.00 54.68  ? 9   GLU A CA  1 
ATOM   42  C  C   . GLU A 1 9  ? 19.333  -5.591  10.485  1.00 54.78  ? 9   GLU A C   1 
ATOM   43  O  O   . GLU A 1 9  ? 18.138  -5.426  10.684  1.00 54.72  ? 9   GLU A O   1 
ATOM   44  C  CB  . GLU A 1 9  ? 20.892  -6.603  12.240  1.00 54.85  ? 9   GLU A CB  1 
ATOM   45  C  CG  . GLU A 1 9  ? 19.942  -6.427  13.457  1.00 59.18  ? 9   GLU A CG  1 
ATOM   46  C  CD  . GLU A 1 9  ? 19.133  -7.706  13.815  1.00 63.91  ? 9   GLU A CD  1 
ATOM   47  O  OE1 . GLU A 1 9  ? 19.343  -8.809  13.245  1.00 64.50  ? 9   GLU A OE1 1 
ATOM   48  O  OE2 . GLU A 1 9  ? 18.284  -7.612  14.713  1.00 70.31  ? 9   GLU A OE2 1 
ATOM   49  N  N   . GLU A 1 10 ? 20.073  -4.702  9.856   1.00 55.68  ? 10  GLU A N   1 
ATOM   50  C  CA  . GLU A 1 10 ? 19.550  -3.469  9.269   1.00 56.80  ? 10  GLU A CA  1 
ATOM   51  C  C   . GLU A 1 10 ? 18.482  -3.802  8.259   1.00 55.51  ? 10  GLU A C   1 
ATOM   52  O  O   . GLU A 1 10 ? 17.410  -3.196  8.241   1.00 56.24  ? 10  GLU A O   1 
ATOM   53  C  CB  . GLU A 1 10 ? 20.724  -2.740  8.632   1.00 56.32  ? 10  GLU A CB  1 
ATOM   54  C  CG  . GLU A 1 10 ? 20.378  -1.458  7.892   1.00 62.06  ? 10  GLU A CG  1 
ATOM   55  C  CD  . GLU A 1 10 ? 21.606  -0.749  7.261   1.00 61.44  ? 10  GLU A CD  1 
ATOM   56  O  OE1 . GLU A 1 10 ? 21.914  0.382   7.711   1.00 68.48  ? 10  GLU A OE1 1 
ATOM   57  O  OE2 . GLU A 1 10 ? 22.279  -1.317  6.335   1.00 66.72  ? 10  GLU A OE2 1 
ATOM   58  N  N   . VAL A 1 11 ? 18.764  -4.763  7.400   1.00 54.96  ? 11  VAL A N   1 
ATOM   59  C  CA  . VAL A 1 11 ? 17.877  -5.158  6.314   1.00 54.16  ? 11  VAL A CA  1 
ATOM   60  C  C   . VAL A 1 11 ? 16.642  -5.818  6.917   1.00 54.78  ? 11  VAL A C   1 
ATOM   61  O  O   . VAL A 1 11 ? 15.541  -5.511  6.520   1.00 55.91  ? 11  VAL A O   1 
ATOM   62  C  CB  . VAL A 1 11 ? 18.581  -6.107  5.310   1.00 53.15  ? 11  VAL A CB  1 
ATOM   63  C  CG1 . VAL A 1 11 ? 17.609  -6.608  4.307   1.00 53.85  ? 11  VAL A CG1 1 
ATOM   64  C  CG2 . VAL A 1 11 ? 19.647  -5.408  4.594   1.00 54.43  ? 11  VAL A CG2 1 
ATOM   65  N  N   . ARG A 1 12 ? 16.806  -6.699  7.907   1.00 56.51  ? 12  ARG A N   1 
ATOM   66  C  CA  . ARG A 1 12 ? 15.648  -7.306  8.564   1.00 56.66  ? 12  ARG A CA  1 
ATOM   67  C  C   . ARG A 1 12 ? 14.749  -6.214  9.113   1.00 56.47  ? 12  ARG A C   1 
ATOM   68  O  O   . ARG A 1 12 ? 13.573  -6.258  8.939   1.00 56.77  ? 12  ARG A O   1 
ATOM   69  C  CB  . ARG A 1 12 ? 16.092  -8.240  9.695   1.00 57.02  ? 12  ARG A CB  1 
ATOM   70  C  CG  . ARG A 1 12 ? 16.175  -9.729  9.315   1.00 58.41  ? 12  ARG A CG  1 
ATOM   71  C  CD  . ARG A 1 12 ? 16.538  -10.665 10.531  1.00 59.66  ? 12  ARG A CD  1 
ATOM   72  N  NE  . ARG A 1 12 ? 17.927  -10.387 10.920  1.00 63.98  ? 12  ARG A NE  1 
ATOM   73  C  CZ  . ARG A 1 12 ? 18.977  -11.151 10.615  1.00 66.94  ? 12  ARG A CZ  1 
ATOM   74  N  NH1 . ARG A 1 12 ? 20.208  -10.769 10.993  1.00 61.62  ? 12  ARG A NH1 1 
ATOM   75  N  NH2 . ARG A 1 12 ? 18.795  -12.300 9.940   1.00 68.98  ? 12  ARG A NH2 1 
ATOM   76  N  N   . GLU A 1 13 ? 15.301  -5.215  9.768   1.00 57.28  ? 13  GLU A N   1 
ATOM   77  C  CA  . GLU A 1 13 ? 14.493  -4.160  10.319  1.00 59.44  ? 13  GLU A CA  1 
ATOM   78  C  C   . GLU A 1 13 ? 13.740  -3.394  9.223   1.00 58.81  ? 13  GLU A C   1 
ATOM   79  O  O   . GLU A 1 13 ? 12.576  -3.059  9.401   1.00 60.06  ? 13  GLU A O   1 
ATOM   80  C  CB  . GLU A 1 13 ? 15.343  -3.239  11.201  1.00 59.57  ? 13  GLU A CB  1 
ATOM   81  C  CG  . GLU A 1 13 ? 15.561  -3.887  12.567  1.00 67.39  ? 13  GLU A CG  1 
ATOM   82  C  CD  . GLU A 1 13 ? 16.777  -3.365  13.352  1.00 77.67  ? 13  GLU A CD  1 
ATOM   83  O  OE1 . GLU A 1 13 ? 17.169  -2.189  13.158  1.00 82.48  ? 13  GLU A OE1 1 
ATOM   84  O  OE2 . GLU A 1 13 ? 17.338  -4.131  14.201  1.00 83.14  ? 13  GLU A OE2 1 
ATOM   85  N  N   . PHE A 1 14 ? 14.360  -3.153  8.078   1.00 58.88  ? 14  PHE A N   1 
ATOM   86  C  CA  . PHE A 1 14 ? 13.689  -2.399  7.061   1.00 59.12  ? 14  PHE A CA  1 
ATOM   87  C  C   . PHE A 1 14 ? 12.553  -3.278  6.517   1.00 59.77  ? 14  PHE A C   1 
ATOM   88  O  O   . PHE A 1 14 ? 11.431  -2.806  6.285   1.00 60.71  ? 14  PHE A O   1 
ATOM   89  C  CB  . PHE A 1 14 ? 14.650  -1.905  5.979   1.00 58.65  ? 14  PHE A CB  1 
ATOM   90  C  CG  . PHE A 1 14 ? 13.940  -1.261  4.825   1.00 58.90  ? 14  PHE A CG  1 
ATOM   91  C  CD1 . PHE A 1 14 ? 13.336  -0.018  4.972   1.00 56.35  ? 14  PHE A CD1 1 
ATOM   92  C  CD2 . PHE A 1 14 ? 13.791  -1.934  3.630   1.00 56.55  ? 14  PHE A CD2 1 
ATOM   93  C  CE1 . PHE A 1 14 ? 12.630  0.535   3.960   1.00 58.97  ? 14  PHE A CE1 1 
ATOM   94  C  CE2 . PHE A 1 14 ? 13.076  -1.376  2.606   1.00 54.93  ? 14  PHE A CE2 1 
ATOM   95  C  CZ  . PHE A 1 14 ? 12.510  -0.146  2.768   1.00 58.95  ? 14  PHE A CZ  1 
ATOM   96  N  N   . VAL A 1 15 ? 12.819  -4.559  6.317   1.00 60.27  ? 15  VAL A N   1 
ATOM   97  C  CA  . VAL A 1 15 ? 11.802  -5.477  5.758   1.00 60.78  ? 15  VAL A CA  1 
ATOM   98  C  C   . VAL A 1 15 ? 10.558  -5.480  6.627   1.00 61.20  ? 15  VAL A C   1 
ATOM   99  O  O   . VAL A 1 15 ? 9.435   -5.423  6.110   1.00 61.17  ? 15  VAL A O   1 
ATOM   100 C  CB  . VAL A 1 15 ? 12.308  -6.930  5.572   1.00 60.71  ? 15  VAL A CB  1 
ATOM   101 C  CG1 . VAL A 1 15 ? 11.148  -7.889  5.319   1.00 60.60  ? 15  VAL A CG1 1 
ATOM   102 C  CG2 . VAL A 1 15 ? 13.309  -6.994  4.429   1.00 61.26  ? 15  VAL A CG2 1 
ATOM   103 N  N   . GLY A 1 16 ? 10.774  -5.557  7.932   1.00 60.82  ? 16  GLY A N   1 
ATOM   104 C  CA  . GLY A 1 16 ? 9.701   -5.545  8.890   1.00 61.13  ? 16  GLY A CA  1 
ATOM   105 C  C   . GLY A 1 16 ? 8.906   -4.289  8.708   1.00 61.48  ? 16  GLY A C   1 
ATOM   106 O  O   . GLY A 1 16 ? 7.688   -4.318  8.696   1.00 62.78  ? 16  GLY A O   1 
ATOM   107 N  N   . HIS A 1 17 ? 9.592   -3.192  8.540   1.00 61.65  ? 17  HIS A N   1 
ATOM   108 C  CA  . HIS A 1 17 ? 8.939   -1.907  8.429   1.00 62.61  ? 17  HIS A CA  1 
ATOM   109 C  C   . HIS A 1 17 ? 8.173   -1.820  7.105   1.00 63.02  ? 17  HIS A C   1 
ATOM   110 O  O   . HIS A 1 17 ? 6.987   -1.461  7.106   1.00 63.97  ? 17  HIS A O   1 
ATOM   111 C  CB  . HIS A 1 17 ? 9.987   -0.818  8.568   1.00 63.09  ? 17  HIS A CB  1 
ATOM   112 C  CG  . HIS A 1 17 ? 9.432   0.569   8.617   1.00 64.13  ? 17  HIS A CG  1 
ATOM   113 N  ND1 . HIS A 1 17 ? 10.221  1.658   8.861   1.00 64.70  ? 17  HIS A ND1 1 
ATOM   114 C  CD2 . HIS A 1 17 ? 8.174   1.043   8.436   1.00 65.76  ? 17  HIS A CD2 1 
ATOM   115 C  CE1 . HIS A 1 17 ? 9.480   2.753   8.837   1.00 65.49  ? 17  HIS A CE1 1 
ATOM   116 N  NE2 . HIS A 1 17 ? 8.231   2.406   8.588   1.00 64.77  ? 17  HIS A NE2 1 
ATOM   117 N  N   . LEU A 1 18 ? 8.798   -2.215  5.990   1.00 63.23  ? 18  LEU A N   1 
ATOM   118 C  CA  . LEU A 1 18 ? 8.095   -2.319  4.714   1.00 62.76  ? 18  LEU A CA  1 
ATOM   119 C  C   . LEU A 1 18 ? 6.815   -3.115  4.821   1.00 64.10  ? 18  LEU A C   1 
ATOM   120 O  O   . LEU A 1 18 ? 5.769   -2.664  4.326   1.00 64.71  ? 18  LEU A O   1 
ATOM   121 C  CB  . LEU A 1 18 ? 9.003   -2.860  3.602   1.00 62.75  ? 18  LEU A CB  1 
ATOM   122 C  CG  . LEU A 1 18 ? 8.571   -2.718  2.130   1.00 63.68  ? 18  LEU A CG  1 
ATOM   123 C  CD1 . LEU A 1 18 ? 8.113   -1.328  1.817   1.00 58.83  ? 18  LEU A CD1 1 
ATOM   124 C  CD2 . LEU A 1 18 ? 9.685   -3.096  1.212   1.00 60.74  ? 18  LEU A CD2 1 
ATOM   125 N  N   . GLU A 1 19 ? 6.867   -4.290  5.487   1.00 64.39  ? 19  GLU A N   1 
ATOM   126 C  CA  . GLU A 1 19 ? 5.699   -5.147  5.731   1.00 64.84  ? 19  GLU A CA  1 
ATOM   127 C  C   . GLU A 1 19 ? 4.564   -4.472  6.514   1.00 65.73  ? 19  GLU A C   1 
ATOM   128 O  O   . GLU A 1 19 ? 3.413   -4.555  6.106   1.00 64.93  ? 19  GLU A O   1 
ATOM   129 C  CB  . GLU A 1 19 ? 6.093   -6.475  6.404   1.00 65.06  ? 19  GLU A CB  1 
ATOM   130 C  CG  . GLU A 1 19 ? 6.860   -7.485  5.482   1.00 65.16  ? 19  GLU A CG  1 
ATOM   131 C  CD  . GLU A 1 19 ? 7.539   -8.589  6.249   1.00 66.38  ? 19  GLU A CD  1 
ATOM   132 O  OE1 . GLU A 1 19 ? 7.805   -8.409  7.462   1.00 69.05  ? 19  GLU A OE1 1 
ATOM   133 O  OE2 . GLU A 1 19 ? 7.827   -9.642  5.652   1.00 68.68  ? 19  GLU A OE2 1 
ATOM   134 N  N   . ARG A 1 20 ? 4.886   -3.838  7.633   1.00 65.96  ? 20  ARG A N   1 
ATOM   135 C  CA  . ARG A 1 20 ? 3.919   -3.093  8.404   1.00 68.35  ? 20  ARG A CA  1 
ATOM   136 C  C   . ARG A 1 20 ? 3.369   -1.951  7.529   1.00 67.48  ? 20  ARG A C   1 
ATOM   137 O  O   . ARG A 1 20 ? 2.201   -1.710  7.515   1.00 68.10  ? 20  ARG A O   1 
ATOM   138 C  CB  . ARG A 1 20 ? 4.539   -2.545  9.713   1.00 68.16  ? 20  ARG A CB  1 
ATOM   139 C  CG  . ARG A 1 20 ? 4.906   -3.668  10.740  1.00 72.47  ? 20  ARG A CG  1 
ATOM   140 C  CD  . ARG A 1 20 ? 5.393   -3.173  12.149  1.00 71.39  ? 20  ARG A CD  1 
ATOM   141 N  NE  . ARG A 1 20 ? 6.359   -2.064  12.081  1.00 78.69  ? 20  ARG A NE  1 
ATOM   142 C  CZ  . ARG A 1 20 ? 7.681   -2.207  12.015  1.00 79.72  ? 20  ARG A CZ  1 
ATOM   143 N  NH1 . ARG A 1 20 ? 8.209   -3.431  12.020  1.00 78.08  ? 20  ARG A NH1 1 
ATOM   144 N  NH2 . ARG A 1 20 ? 8.467   -1.134  11.936  1.00 78.61  ? 20  ARG A NH2 1 
ATOM   145 N  N   . PHE A 1 21 ? 4.193   -1.273  6.787   1.00 66.70  ? 21  PHE A N   1 
ATOM   146 C  CA  . PHE A 1 21 ? 3.731   -0.129  6.061   1.00 67.14  ? 21  PHE A CA  1 
ATOM   147 C  C   . PHE A 1 21 ? 2.742   -0.536  4.977   1.00 68.40  ? 21  PHE A C   1 
ATOM   148 O  O   . PHE A 1 21 ? 1.657   0.041   4.851   1.00 66.72  ? 21  PHE A O   1 
ATOM   149 C  CB  . PHE A 1 21 ? 4.926   0.629   5.486   1.00 66.96  ? 21  PHE A CB  1 
ATOM   150 C  CG  . PHE A 1 21 ? 4.577   1.693   4.512   1.00 64.47  ? 21  PHE A CG  1 
ATOM   151 C  CD1 . PHE A 1 21 ? 4.321   2.981   4.948   1.00 65.87  ? 21  PHE A CD1 1 
ATOM   152 C  CD2 . PHE A 1 21 ? 4.556   1.432   3.157   1.00 68.43  ? 21  PHE A CD2 1 
ATOM   153 C  CE1 . PHE A 1 21 ? 4.037   4.009   4.046   1.00 63.87  ? 21  PHE A CE1 1 
ATOM   154 C  CE2 . PHE A 1 21 ? 4.271   2.450   2.219   1.00 66.42  ? 21  PHE A CE2 1 
ATOM   155 C  CZ  . PHE A 1 21 ? 4.002   3.740   2.673   1.00 67.69  ? 21  PHE A CZ  1 
ATOM   156 N  N   . LYS A 1 22 ? 3.118   -1.519  4.186   1.00 69.36  ? 22  LYS A N   1 
ATOM   157 C  CA  . LYS A 1 22 ? 2.198   -2.000  3.190   1.00 70.53  ? 22  LYS A CA  1 
ATOM   158 C  C   . LYS A 1 22 ? 0.915   -2.671  3.690   1.00 71.93  ? 22  LYS A C   1 
ATOM   159 O  O   . LYS A 1 22 ? -0.114  -2.511  3.051   1.00 72.25  ? 22  LYS A O   1 
ATOM   160 C  CB  . LYS A 1 22 ? 2.933   -2.793  2.103   1.00 70.83  ? 22  LYS A CB  1 
ATOM   161 C  CG  . LYS A 1 22 ? 3.153   -4.222  2.396   1.00 71.05  ? 22  LYS A CG  1 
ATOM   162 C  CD  . LYS A 1 22 ? 4.247   -4.807  1.500   1.00 70.02  ? 22  LYS A CD  1 
ATOM   163 C  CE  . LYS A 1 22 ? 4.000   -6.265  1.306   1.00 72.63  ? 22  LYS A CE  1 
ATOM   164 N  NZ  . LYS A 1 22 ? 3.490   -7.021  2.512   1.00 75.86  ? 22  LYS A NZ  1 
ATOM   165 N  N   . GLU A 1 23 ? 0.910   -3.344  4.846   1.00 73.17  ? 23  GLU A N   1 
ATOM   166 C  CA  . GLU A 1 23 ? -0.370  -3.788  5.425   1.00 75.29  ? 23  GLU A CA  1 
ATOM   167 C  C   . GLU A 1 23 ? -1.242  -2.653  5.959   1.00 75.44  ? 23  GLU A C   1 
ATOM   168 O  O   . GLU A 1 23 ? -2.483  -2.697  5.828   1.00 75.07  ? 23  GLU A O   1 
ATOM   169 C  CB  . GLU A 1 23 ? -0.198  -4.818  6.531   1.00 75.93  ? 23  GLU A CB  1 
ATOM   170 C  CG  . GLU A 1 23 ? -0.039  -6.302  6.018   1.00 84.45  ? 23  GLU A CG  1 
ATOM   171 C  CD  . GLU A 1 23 ? -0.950  -6.728  4.803   1.00 89.58  ? 23  GLU A CD  1 
ATOM   172 O  OE1 . GLU A 1 23 ? -1.946  -7.465  5.045   1.00 91.93  ? 23  GLU A OE1 1 
ATOM   173 O  OE2 . GLU A 1 23 ? -0.644  -6.349  3.622   1.00 91.64  ? 23  GLU A OE2 1 
ATOM   174 N  N   . LEU A 1 24 ? -0.596  -1.647  6.547   1.00 73.73  ? 24  LEU A N   1 
ATOM   175 C  CA  . LEU A 1 24 ? -1.262  -0.436  7.070   1.00 73.48  ? 24  LEU A CA  1 
ATOM   176 C  C   . LEU A 1 24 ? -1.915  0.401   5.997   1.00 72.37  ? 24  LEU A C   1 
ATOM   177 O  O   . LEU A 1 24 ? -3.033  0.788   6.118   1.00 73.07  ? 24  LEU A O   1 
ATOM   178 C  CB  . LEU A 1 24 ? -0.248  0.441   7.805   1.00 73.35  ? 24  LEU A CB  1 
ATOM   179 C  CG  . LEU A 1 24 ? -0.790  1.665   8.512   1.00 74.50  ? 24  LEU A CG  1 
ATOM   180 C  CD1 . LEU A 1 24 ? -1.868  1.237   9.456   1.00 77.89  ? 24  LEU A CD1 1 
ATOM   181 C  CD2 . LEU A 1 24 ? 0.296   2.245   9.302   1.00 73.10  ? 24  LEU A CD2 1 
ATOM   182 N  N   . LEU A 1 25 ? -1.228  0.652   4.924   1.00 70.69  ? 25  LEU A N   1 
ATOM   183 C  CA  . LEU A 1 25 ? -1.807  1.401   3.886   1.00 70.34  ? 25  LEU A CA  1 
ATOM   184 C  C   . LEU A 1 25 ? -2.949  0.716   3.145   1.00 70.75  ? 25  LEU A C   1 
ATOM   185 O  O   . LEU A 1 25 ? -3.847  1.402   2.620   1.00 70.32  ? 25  LEU A O   1 
ATOM   186 C  CB  . LEU A 1 25 ? -0.734  1.661   2.866   1.00 71.99  ? 25  LEU A CB  1 
ATOM   187 C  CG  . LEU A 1 25 ? -0.130  3.047   2.598   1.00 73.66  ? 25  LEU A CG  1 
ATOM   188 C  CD1 . LEU A 1 25 ? 0.279   3.774   3.838   1.00 76.78  ? 25  LEU A CD1 1 
ATOM   189 C  CD2 . LEU A 1 25 ? 1.025   2.690   1.744   1.00 70.50  ? 25  LEU A CD2 1 
ATOM   190 N  N   . ARG A 1 26 ? -2.898  -0.601  3.024   1.00 68.66  ? 26  ARG A N   1 
ATOM   191 C  CA  . ARG A 1 26 ? -3.958  -1.247  2.358   1.00 70.08  ? 26  ARG A CA  1 
ATOM   192 C  C   . ARG A 1 26 ? -5.158  -1.184  3.252   1.00 68.62  ? 26  ARG A C   1 
ATOM   193 O  O   . ARG A 1 26 ? -6.251  -0.994  2.770   1.00 68.63  ? 26  ARG A O   1 
ATOM   194 C  CB  . ARG A 1 26 ? -3.683  -2.694  2.063   1.00 69.68  ? 26  ARG A CB  1 
ATOM   195 C  CG  . ARG A 1 26 ? -4.926  -3.362  1.371   1.00 76.81  ? 26  ARG A CG  1 
ATOM   196 C  CD  . ARG A 1 26 ? -4.668  -3.903  -0.059  1.00 83.60  ? 26  ARG A CD  1 
ATOM   197 N  NE  . ARG A 1 26 ? -3.603  -4.871  0.040   1.00 89.98  ? 26  ARG A NE  1 
ATOM   198 C  CZ  . ARG A 1 26 ? -3.705  -6.021  0.701   1.00 95.20  ? 26  ARG A CZ  1 
ATOM   199 N  NH1 . ARG A 1 26 ? -4.855  -6.381  1.276   1.00 98.14  ? 26  ARG A NH1 1 
ATOM   200 N  NH2 . ARG A 1 26 ? -2.657  -6.833  0.769   1.00 96.94  ? 26  ARG A NH2 1 
ATOM   201 N  N   . GLU A 1 27 ? -4.981  -1.366  4.550   1.00 67.61  ? 27  GLU A N   1 
ATOM   202 C  CA  . GLU A 1 27 ? -6.132  -1.352  5.382   1.00 69.04  ? 27  GLU A CA  1 
ATOM   203 C  C   . GLU A 1 27 ? -6.715  0.045   5.523   1.00 65.60  ? 27  GLU A C   1 
ATOM   204 O  O   . GLU A 1 27 ? -7.913  0.184   5.582   1.00 65.48  ? 27  GLU A O   1 
ATOM   205 C  CB  . GLU A 1 27 ? -5.956  -2.139  6.678   1.00 68.77  ? 27  GLU A CB  1 
ATOM   206 C  CG  . GLU A 1 27 ? -5.664  -1.397  7.960   1.00 73.68  ? 27  GLU A CG  1 
ATOM   207 C  CD  . GLU A 1 27 ? -4.973  -2.354  8.992   1.00 76.12  ? 27  GLU A CD  1 
ATOM   208 O  OE1 . GLU A 1 27 ? -5.534  -3.482  9.198   1.00 84.29  ? 27  GLU A OE1 1 
ATOM   209 O  OE2 . GLU A 1 27 ? -3.878  -1.997  9.546   1.00 82.97  ? 27  GLU A OE2 1 
ATOM   210 N  N   . GLU A 1 28 ? -5.879  1.054   5.448   1.00 64.62  ? 28  GLU A N   1 
ATOM   211 C  CA  . GLU A 1 28 ? -6.308  2.437   5.562   1.00 64.35  ? 28  GLU A CA  1 
ATOM   212 C  C   . GLU A 1 28 ? -7.032  2.980   4.325   1.00 64.59  ? 28  GLU A C   1 
ATOM   213 O  O   . GLU A 1 28 ? -8.053  3.716   4.427   1.00 63.30  ? 28  GLU A O   1 
ATOM   214 C  CB  . GLU A 1 28 ? -5.176  3.356   5.975   1.00 63.85  ? 28  GLU A CB  1 
ATOM   215 C  CG  . GLU A 1 28 ? -4.657  3.140   7.404   1.00 66.76  ? 28  GLU A CG  1 
ATOM   216 C  CD  . GLU A 1 28 ? -5.613  3.593   8.477   1.00 73.53  ? 28  GLU A CD  1 
ATOM   217 O  OE1 . GLU A 1 28 ? -6.508  4.411   8.180   1.00 75.09  ? 28  GLU A OE1 1 
ATOM   218 O  OE2 . GLU A 1 28 ? -5.470  3.130   9.623   1.00 73.45  ? 28  GLU A OE2 1 
ATOM   219 N  N   . VAL A 1 29 ? -6.575  2.554   3.170   1.00 64.83  ? 29  VAL A N   1 
ATOM   220 C  CA  . VAL A 1 29 ? -7.198  2.931   1.938   1.00 64.47  ? 29  VAL A CA  1 
ATOM   221 C  C   . VAL A 1 29 ? -8.499  2.133   1.744   1.00 64.54  ? 29  VAL A C   1 
ATOM   222 O  O   . VAL A 1 29 ? -9.456  2.638   1.165   1.00 65.04  ? 29  VAL A O   1 
ATOM   223 C  CB  . VAL A 1 29 ? -6.188  2.843   0.691   1.00 65.76  ? 29  VAL A CB  1 
ATOM   224 C  CG1 . VAL A 1 29 ? -6.244  1.497   0.036   1.00 64.50  ? 29  VAL A CG1 1 
ATOM   225 C  CG2 . VAL A 1 29 ? -6.558  3.898   -0.452  1.00 68.88  ? 29  VAL A CG2 1 
ATOM   226 N  N   . ASN A 1 30 ? -8.579  0.876   2.200   1.00 63.29  ? 30  ASN A N   1 
ATOM   227 C  CA  . ASN A 1 30 ? -9.837  0.180   2.072   1.00 62.69  ? 30  ASN A CA  1 
ATOM   228 C  C   . ASN A 1 30 ? -10.837 0.920   2.946   1.00 61.91  ? 30  ASN A C   1 
ATOM   229 O  O   . ASN A 1 30 ? -11.919 1.205   2.531   1.00 62.54  ? 30  ASN A O   1 
ATOM   230 C  CB  . ASN A 1 30 ? -9.693  -1.253  2.502   1.00 61.49  ? 30  ASN A CB  1 
ATOM   231 C  CG  . ASN A 1 30 ? -9.013  -2.106  1.441   1.00 65.61  ? 30  ASN A CG  1 
ATOM   232 O  OD1 . ASN A 1 30 ? -8.776  -1.677  0.300   1.00 63.97  ? 30  ASN A OD1 1 
ATOM   233 N  ND2 . ASN A 1 30 ? -8.689  -3.310  1.823   1.00 62.87  ? 30  ASN A ND2 1 
ATOM   234 N  N   . SER A 1 31 ? -10.428 1.227   4.166   1.00 62.06  ? 31  SER A N   1 
ATOM   235 C  CA  . SER A 1 31 ? -11.260 1.939   5.128   1.00 61.55  ? 31  SER A CA  1 
ATOM   236 C  C   . SER A 1 31 ? -11.796 3.218   4.545   1.00 60.06  ? 31  SER A C   1 
ATOM   237 O  O   . SER A 1 31 ? -12.992 3.413   4.563   1.00 58.82  ? 31  SER A O   1 
ATOM   238 C  CB  . SER A 1 31 ? -10.509 2.240   6.412   1.00 60.37  ? 31  SER A CB  1 
ATOM   239 O  OG  . SER A 1 31 ? -11.475 2.637   7.318   1.00 63.68  ? 31  SER A OG  1 
ATOM   240 N  N   . LEU A 1 32 ? -10.905 4.064   4.043   1.00 59.47  ? 32  LEU A N   1 
ATOM   241 C  CA  . LEU A 1 32 ? -11.289 5.315   3.430   1.00 60.49  ? 32  LEU A CA  1 
ATOM   242 C  C   . LEU A 1 32 ? -12.240 5.121   2.269   1.00 62.27  ? 32  LEU A C   1 
ATOM   243 O  O   . LEU A 1 32 ? -13.213 5.854   2.141   1.00 64.01  ? 32  LEU A O   1 
ATOM   244 C  CB  . LEU A 1 32 ? -10.069 6.118   2.964   1.00 61.20  ? 32  LEU A CB  1 
ATOM   245 C  CG  . LEU A 1 32 ? -10.525 7.411   2.304   1.00 63.78  ? 32  LEU A CG  1 
ATOM   246 C  CD1 . LEU A 1 32 ? -10.934 8.386   3.394   1.00 62.19  ? 32  LEU A CD1 1 
ATOM   247 C  CD2 . LEU A 1 32 ? -9.448  7.997   1.432   1.00 68.81  ? 32  LEU A CD2 1 
ATOM   248 N  N   . SER A 1 33 ? -11.980 4.134   1.415   1.00 61.64  ? 33  SER A N   1 
ATOM   249 C  CA  . SER A 1 33 ? -12.828 3.855   0.241   1.00 62.50  ? 33  SER A CA  1 
ATOM   250 C  C   . SER A 1 33 ? -14.204 3.323   0.592   1.00 61.05  ? 33  SER A C   1 
ATOM   251 O  O   . SER A 1 33 ? -15.173 3.685   -0.040  1.00 61.06  ? 33  SER A O   1 
ATOM   252 C  CB  . SER A 1 33 ? -12.145 2.866   -0.692  1.00 60.88  ? 33  SER A CB  1 
ATOM   253 O  OG  . SER A 1 33 ? -12.946 2.508   -1.790  1.00 65.96  ? 33  SER A OG  1 
ATOM   254 N  N   . ASN A 1 34 ? -14.287 2.490   1.630   1.00 60.52  ? 34  ASN A N   1 
ATOM   255 C  CA  . ASN A 1 34 ? -15.547 1.901   2.016   1.00 58.81  ? 34  ASN A CA  1 
ATOM   256 C  C   . ASN A 1 34 ? -16.389 3.014   2.613   1.00 59.08  ? 34  ASN A C   1 
ATOM   257 O  O   . ASN A 1 34 ? -17.596 3.042   2.466   1.00 57.40  ? 34  ASN A O   1 
ATOM   258 C  CB  . ASN A 1 34 ? -15.304 0.819   3.057   1.00 58.00  ? 34  ASN A CB  1 
ATOM   259 C  CG  . ASN A 1 34 ? -14.685 -0.417  2.464   1.00 59.30  ? 34  ASN A CG  1 
ATOM   260 O  OD1 . ASN A 1 34 ? -14.587 -0.536  1.225   1.00 59.67  ? 34  ASN A OD1 1 
ATOM   261 N  ND2 . ASN A 1 34 ? -14.261 -1.359  3.326   1.00 56.56  ? 34  ASN A ND2 1 
ATOM   262 N  N   . HIS A 1 35 ? -15.752 3.930   3.302   1.00 59.25  ? 35  HIS A N   1 
ATOM   263 C  CA  . HIS A 1 35 ? -16.480 5.088   3.899   1.00 60.41  ? 35  HIS A CA  1 
ATOM   264 C  C   . HIS A 1 35 ? -17.044 5.983   2.782   1.00 61.64  ? 35  HIS A C   1 
ATOM   265 O  O   . HIS A 1 35 ? -18.267 6.277   2.752   1.00 62.26  ? 35  HIS A O   1 
ATOM   266 C  CB  . HIS A 1 35 ? -15.558 5.870   4.813   1.00 59.09  ? 35  HIS A CB  1 
ATOM   267 C  CG  . HIS A 1 35 ? -16.263 6.891   5.680   1.00 58.84  ? 35  HIS A CG  1 
ATOM   268 N  ND1 . HIS A 1 35 ? -15.645 7.505   6.744   1.00 58.72  ? 35  HIS A ND1 1 
ATOM   269 C  CD2 . HIS A 1 35 ? -17.525 7.395   5.634   1.00 56.69  ? 35  HIS A CD2 1 
ATOM   270 C  CE1 . HIS A 1 35 ? -16.488 8.357   7.310   1.00 61.07  ? 35  HIS A CE1 1 
ATOM   271 N  NE2 . HIS A 1 35 ? -17.633 8.309   6.646   1.00 57.29  ? 35  HIS A NE2 1 
ATOM   272 N  N   . PHE A 1 36 ? -16.173 6.355   1.841   1.00 61.47  ? 36  PHE A N   1 
ATOM   273 C  CA  . PHE A 1 36 ? -16.551 7.159   0.703   1.00 62.60  ? 36  PHE A CA  1 
ATOM   274 C  C   . PHE A 1 36 ? -17.694 6.531   -0.088  1.00 64.73  ? 36  PHE A C   1 
ATOM   275 O  O   . PHE A 1 36 ? -18.610 7.228   -0.470  1.00 66.07  ? 36  PHE A O   1 
ATOM   276 C  CB  . PHE A 1 36 ? -15.357 7.320   -0.254  1.00 63.08  ? 36  PHE A CB  1 
ATOM   277 C  CG  . PHE A 1 36 ? -15.690 7.996   -1.540  1.00 64.26  ? 36  PHE A CG  1 
ATOM   278 C  CD1 . PHE A 1 36 ? -15.910 9.364   -1.578  1.00 66.27  ? 36  PHE A CD1 1 
ATOM   279 C  CD2 . PHE A 1 36 ? -15.781 7.281   -2.702  1.00 64.96  ? 36  PHE A CD2 1 
ATOM   280 C  CE1 . PHE A 1 36 ? -16.237 10.000  -2.768  1.00 67.13  ? 36  PHE A CE1 1 
ATOM   281 C  CE2 . PHE A 1 36 ? -16.093 7.918   -3.890  1.00 69.91  ? 36  PHE A CE2 1 
ATOM   282 C  CZ  . PHE A 1 36 ? -16.323 9.290   -3.913  1.00 64.56  ? 36  PHE A CZ  1 
ATOM   283 N  N   . HIS A 1 37 ? -17.623 5.247   -0.433  1.00 65.37  ? 37  HIS A N   1 
ATOM   284 C  CA  . HIS A 1 37 ? -18.662 4.696   -1.280  1.00 65.27  ? 37  HIS A CA  1 
ATOM   285 C  C   . HIS A 1 37 ? -19.885 4.398   -0.548  1.00 66.51  ? 37  HIS A C   1 
ATOM   286 O  O   . HIS A 1 37 ? -20.855 3.925   -1.128  1.00 67.37  ? 37  HIS A O   1 
ATOM   287 C  CB  . HIS A 1 37 ? -18.190 3.445   -1.944  1.00 64.50  ? 37  HIS A CB  1 
ATOM   288 C  CG  . HIS A 1 37 ? -17.269 3.705   -3.067  1.00 63.66  ? 37  HIS A CG  1 
ATOM   289 N  ND1 . HIS A 1 37 ? -15.912 3.556   -2.957  1.00 64.87  ? 37  HIS A ND1 1 
ATOM   290 C  CD2 . HIS A 1 37 ? -17.503 4.119   -4.329  1.00 64.93  ? 37  HIS A CD2 1 
ATOM   291 C  CE1 . HIS A 1 37 ? -15.350 3.803   -4.128  1.00 66.47  ? 37  HIS A CE1 1 
ATOM   292 N  NE2 . HIS A 1 37 ? -16.295 4.160   -4.973  1.00 64.76  ? 37  HIS A NE2 1 
ATOM   293 N  N   . ASN A 1 38 ? -19.870 4.705   0.730   1.00 67.44  ? 38  ASN A N   1 
ATOM   294 C  CA  . ASN A 1 38 ? -21.016 4.514   1.580   1.00 68.72  ? 38  ASN A CA  1 
ATOM   295 C  C   . ASN A 1 38 ? -21.764 5.804   1.937   1.00 68.58  ? 38  ASN A C   1 
ATOM   296 O  O   . ASN A 1 38 ? -22.763 5.750   2.612   1.00 67.46  ? 38  ASN A O   1 
ATOM   297 C  CB  . ASN A 1 38 ? -20.542 3.866   2.864   1.00 69.90  ? 38  ASN A CB  1 
ATOM   298 C  CG  . ASN A 1 38 ? -21.632 3.240   3.603   1.00 72.91  ? 38  ASN A CG  1 
ATOM   299 O  OD1 . ASN A 1 38 ? -22.270 2.324   3.101   1.00 76.71  ? 38  ASN A OD1 1 
ATOM   300 N  ND2 . ASN A 1 38 ? -21.884 3.721   4.808   1.00 76.43  ? 38  ASN A ND2 1 
ATOM   301 N  N   . LEU A 1 39 ? -21.241 6.943   1.500   1.00 68.81  ? 39  LEU A N   1 
ATOM   302 C  CA  . LEU A 1 39 ? -21.911 8.213   1.583   1.00 70.81  ? 39  LEU A CA  1 
ATOM   303 C  C   . LEU A 1 39 ? -23.152 8.195   0.743   1.00 72.32  ? 39  LEU A C   1 
ATOM   304 O  O   . LEU A 1 39 ? -23.038 8.274   -0.460  1.00 74.36  ? 39  LEU A O   1 
ATOM   305 C  CB  . LEU A 1 39 ? -21.051 9.281   0.943   1.00 70.89  ? 39  LEU A CB  1 
ATOM   306 C  CG  . LEU A 1 39 ? -20.084 10.184  1.685   1.00 70.29  ? 39  LEU A CG  1 
ATOM   307 C  CD1 . LEU A 1 39 ? -19.594 9.508   2.880   1.00 69.00  ? 39  LEU A CD1 1 
ATOM   308 C  CD2 . LEU A 1 39 ? -19.003 10.322  0.693   1.00 66.12  ? 39  LEU A CD2 1 
ATOM   309 N  N   . GLU A 1 40 ? -24.341 8.156   1.318   1.00 73.78  ? 40  GLU A N   1 
ATOM   310 C  CA  . GLU A 1 40 ? -25.509 8.170   0.436   1.00 75.13  ? 40  GLU A CA  1 
ATOM   311 C  C   . GLU A 1 40 ? -25.860 9.534   -0.193  1.00 74.69  ? 40  GLU A C   1 
ATOM   312 O  O   . GLU A 1 40 ? -26.322 9.566   -1.331  1.00 74.11  ? 40  GLU A O   1 
ATOM   313 C  CB  . GLU A 1 40 ? -26.709 7.522   1.099   1.00 75.66  ? 40  GLU A CB  1 
ATOM   314 C  CG  . GLU A 1 40 ? -26.694 5.967   1.111   1.00 81.73  ? 40  GLU A CG  1 
ATOM   315 C  CD  . GLU A 1 40 ? -26.520 5.257   -0.269  1.00 88.02  ? 40  GLU A CD  1 
ATOM   316 O  OE1 . GLU A 1 40 ? -25.351 4.961   -0.631  1.00 92.12  ? 40  GLU A OE1 1 
ATOM   317 O  OE2 . GLU A 1 40 ? -27.534 4.909   -0.955  1.00 91.88  ? 40  GLU A OE2 1 
ATOM   318 N  N   . SER A 1 41 ? -25.594 10.649  0.501   1.00 74.27  ? 41  SER A N   1 
ATOM   319 C  CA  . SER A 1 41 ? -26.022 11.999  0.027   1.00 73.64  ? 41  SER A CA  1 
ATOM   320 C  C   . SER A 1 41 ? -25.085 12.908  -0.825  1.00 73.75  ? 41  SER A C   1 
ATOM   321 O  O   . SER A 1 41 ? -25.517 13.956  -1.285  1.00 74.19  ? 41  SER A O   1 
ATOM   322 C  CB  . SER A 1 41 ? -26.528 12.810  1.196   1.00 73.08  ? 41  SER A CB  1 
ATOM   323 O  OG  . SER A 1 41 ? -25.433 13.323  1.904   1.00 72.84  ? 41  SER A OG  1 
ATOM   324 N  N   . TRP A 1 42 ? -23.832 12.543  -1.025  1.00 73.43  ? 42  TRP A N   1 
ATOM   325 C  CA  . TRP A 1 42 ? -22.967 13.300  -1.917  1.00 74.26  ? 42  TRP A CA  1 
ATOM   326 C  C   . TRP A 1 42 ? -22.877 12.521  -3.235  1.00 76.13  ? 42  TRP A C   1 
ATOM   327 O  O   . TRP A 1 42 ? -22.358 11.394  -3.286  1.00 76.40  ? 42  TRP A O   1 
ATOM   328 C  CB  . TRP A 1 42 ? -21.588 13.473  -1.299  1.00 73.30  ? 42  TRP A CB  1 
ATOM   329 C  CG  . TRP A 1 42 ? -20.622 14.293  -2.105  1.00 71.85  ? 42  TRP A CG  1 
ATOM   330 C  CD1 . TRP A 1 42 ? -20.923 15.327  -2.938  1.00 71.78  ? 42  TRP A CD1 1 
ATOM   331 C  CD2 . TRP A 1 42 ? -19.192 14.157  -2.136  1.00 72.82  ? 42  TRP A CD2 1 
ATOM   332 N  NE1 . TRP A 1 42 ? -19.778 15.843  -3.490  1.00 70.35  ? 42  TRP A NE1 1 
ATOM   333 C  CE2 . TRP A 1 42 ? -18.700 15.153  -3.003  1.00 72.64  ? 42  TRP A CE2 1 
ATOM   334 C  CE3 . TRP A 1 42 ? -18.274 13.277  -1.522  1.00 70.34  ? 42  TRP A CE3 1 
ATOM   335 C  CZ2 . TRP A 1 42 ? -17.341 15.305  -3.257  1.00 71.72  ? 42  TRP A CZ2 1 
ATOM   336 C  CZ3 . TRP A 1 42 ? -16.930 13.430  -1.771  1.00 71.11  ? 42  TRP A CZ3 1 
ATOM   337 C  CH2 . TRP A 1 42 ? -16.471 14.428  -2.629  1.00 72.81  ? 42  TRP A CH2 1 
ATOM   338 N  N   . ARG A 1 43 ? -23.399 13.111  -4.305  1.00 77.97  ? 43  ARG A N   1 
ATOM   339 C  CA  . ARG A 1 43 ? -23.554 12.373  -5.555  1.00 79.97  ? 43  ARG A CA  1 
ATOM   340 C  C   . ARG A 1 43 ? -23.597 13.236  -6.813  1.00 80.22  ? 43  ARG A C   1 
ATOM   341 O  O   . ARG A 1 43 ? -24.168 12.827  -7.823  1.00 81.04  ? 43  ARG A O   1 
ATOM   342 C  CB  . ARG A 1 43 ? -24.786 11.487  -5.493  1.00 79.84  ? 43  ARG A CB  1 
ATOM   343 C  CG  . ARG A 1 43 ? -26.032 12.243  -5.276  1.00 83.53  ? 43  ARG A CG  1 
ATOM   344 C  CD  . ARG A 1 43 ? -27.202 11.301  -5.293  1.00 92.14  ? 43  ARG A CD  1 
ATOM   345 N  NE  . ARG A 1 43 ? -27.006 10.188  -4.363  1.00 97.16  ? 43  ARG A NE  1 
ATOM   346 C  CZ  . ARG A 1 43 ? -27.726 9.063   -4.362  1.00 99.73  ? 43  ARG A CZ  1 
ATOM   347 N  NH1 . ARG A 1 43 ? -28.706 8.882   -5.258  1.00 98.33  ? 43  ARG A NH1 1 
ATOM   348 N  NH2 . ARG A 1 43 ? -27.449 8.110   -3.466  1.00 99.76  ? 43  ARG A NH2 1 
ATOM   349 N  N   . ASP A 1 44 ? -22.962 14.408  -6.760  1.00 80.63  ? 44  ASP A N   1 
ATOM   350 C  CA  . ASP A 1 44 ? -22.708 15.202  -7.963  1.00 80.38  ? 44  ASP A CA  1 
ATOM   351 C  C   . ASP A 1 44 ? -21.538 14.660  -8.771  1.00 80.72  ? 44  ASP A C   1 
ATOM   352 O  O   . ASP A 1 44 ? -21.015 13.568  -8.505  1.00 80.46  ? 44  ASP A O   1 
ATOM   353 C  CB  . ASP A 1 44 ? -22.418 16.640  -7.588  1.00 79.98  ? 44  ASP A CB  1 
ATOM   354 C  CG  . ASP A 1 44 ? -21.752 16.736  -6.301  1.00 79.83  ? 44  ASP A CG  1 
ATOM   355 O  OD1 . ASP A 1 44 ? -20.684 16.129  -6.185  1.00 82.00  ? 44  ASP A OD1 1 
ATOM   356 O  OD2 . ASP A 1 44 ? -22.306 17.362  -5.384  1.00 80.51  ? 44  ASP A OD2 1 
ATOM   357 N  N   . ALA A 1 45 ? -21.145 15.453  -9.762  1.00 80.89  ? 45  ALA A N   1 
ATOM   358 C  CA  . ALA A 1 45 ? -19.994 15.202  -10.599 1.00 80.99  ? 45  ALA A CA  1 
ATOM   359 C  C   . ALA A 1 45 ? -18.654 15.493  -9.896  1.00 80.97  ? 45  ALA A C   1 
ATOM   360 O  O   . ALA A 1 45 ? -17.592 15.183  -10.440 1.00 80.73  ? 45  ALA A O   1 
ATOM   361 C  CB  . ALA A 1 45 ? -20.125 16.006  -11.876 1.00 81.12  ? 45  ALA A CB  1 
ATOM   362 N  N   . ARG A 1 46 ? -18.712 16.087  -8.702  1.00 81.20  ? 46  ARG A N   1 
ATOM   363 C  CA  . ARG A 1 46 ? -17.531 16.245  -7.815  1.00 81.72  ? 46  ARG A CA  1 
ATOM   364 C  C   . ARG A 1 46 ? -17.170 14.940  -7.066  1.00 81.35  ? 46  ARG A C   1 
ATOM   365 O  O   . ARG A 1 46 ? -16.001 14.577  -6.973  1.00 81.27  ? 46  ARG A O   1 
ATOM   366 C  CB  . ARG A 1 46 ? -17.758 17.341  -6.763  1.00 81.90  ? 46  ARG A CB  1 
ATOM   367 C  CG  . ARG A 1 46 ? -18.060 18.726  -7.284  1.00 83.77  ? 46  ARG A CG  1 
ATOM   368 C  CD  . ARG A 1 46 ? -16.783 19.456  -7.593  1.00 85.83  ? 46  ARG A CD  1 
ATOM   369 N  NE  . ARG A 1 46 ? -15.885 19.525  -6.444  1.00 87.70  ? 46  ARG A NE  1 
ATOM   370 C  CZ  . ARG A 1 46 ? -15.323 20.646  -5.994  1.00 88.54  ? 46  ARG A CZ  1 
ATOM   371 N  NH1 . ARG A 1 46 ? -14.503 20.609  -4.951  1.00 87.76  ? 46  ARG A NH1 1 
ATOM   372 N  NH2 . ARG A 1 46 ? -15.554 21.805  -6.597  1.00 88.72  ? 46  ARG A NH2 1 
ATOM   373 N  N   . ARG A 1 47 ? -18.190 14.279  -6.510  1.00 81.27  ? 47  ARG A N   1 
ATOM   374 C  CA  . ARG A 1 47 ? -18.089 12.957  -5.914  1.00 81.28  ? 47  ARG A CA  1 
ATOM   375 C  C   . ARG A 1 47 ? -17.526 12.002  -6.924  1.00 81.46  ? 47  ARG A C   1 
ATOM   376 O  O   . ARG A 1 47 ? -16.710 11.168  -6.589  1.00 81.66  ? 47  ARG A O   1 
ATOM   377 C  CB  . ARG A 1 47 ? -19.475 12.458  -5.499  1.00 81.52  ? 47  ARG A CB  1 
ATOM   378 C  CG  . ARG A 1 47 ? -19.494 11.081  -4.843  1.00 82.55  ? 47  ARG A CG  1 
ATOM   379 C  CD  . ARG A 1 47 ? -19.483 10.007  -5.892  1.00 85.24  ? 47  ARG A CD  1 
ATOM   380 N  NE  . ARG A 1 47 ? -19.522 8.657   -5.326  1.00 89.37  ? 47  ARG A NE  1 
ATOM   381 C  CZ  . ARG A 1 47 ? -19.446 7.535   -6.050  1.00 89.71  ? 47  ARG A CZ  1 
ATOM   382 N  NH1 . ARG A 1 47 ? -19.509 6.355   -5.440  1.00 91.59  ? 47  ARG A NH1 1 
ATOM   383 N  NH2 . ARG A 1 47 ? -19.317 7.581   -7.386  1.00 90.63  ? 47  ARG A NH2 1 
ATOM   384 N  N   . ASP A 1 48 ? -17.998 12.113  -8.159  1.00 81.74  ? 48  ASP A N   1 
ATOM   385 C  CA  . ASP A 1 48 ? -17.485 11.344  -9.305  1.00 82.02  ? 48  ASP A CA  1 
ATOM   386 C  C   . ASP A 1 48 ? -16.038 11.659  -9.684  1.00 81.16  ? 48  ASP A C   1 
ATOM   387 O  O   . ASP A 1 48 ? -15.314 10.774  -10.141 1.00 80.77  ? 48  ASP A O   1 
ATOM   388 C  CB  . ASP A 1 48 ? -18.394 11.554  -10.523 1.00 82.76  ? 48  ASP A CB  1 
ATOM   389 C  CG  . ASP A 1 48 ? -19.813 11.069  -10.269 1.00 85.88  ? 48  ASP A CG  1 
ATOM   390 O  OD1 . ASP A 1 48 ? -20.732 11.451  -11.037 1.00 88.10  ? 48  ASP A OD1 1 
ATOM   391 O  OD2 . ASP A 1 48 ? -20.004 10.311  -9.273  1.00 90.06  ? 48  ASP A OD2 1 
ATOM   392 N  N   . LYS A 1 49 ? -15.626 12.912  -9.509  1.00 80.61  ? 49  LYS A N   1 
ATOM   393 C  CA  . LYS A 1 49 ? -14.261 13.290  -9.812  1.00 80.31  ? 49  LYS A CA  1 
ATOM   394 C  C   . LYS A 1 49 ? -13.323 12.760  -8.741  1.00 79.67  ? 49  LYS A C   1 
ATOM   395 O  O   . LYS A 1 49 ? -12.162 12.447  -9.055  1.00 80.68  ? 49  LYS A O   1 
ATOM   396 C  CB  . LYS A 1 49 ? -14.087 14.805  -10.015 1.00 80.59  ? 49  LYS A CB  1 
ATOM   397 C  CG  . LYS A 1 49 ? -14.363 15.313  -11.465 1.00 82.81  ? 49  LYS A CG  1 
ATOM   398 C  CD  . LYS A 1 49 ? -13.303 14.882  -12.525 1.00 83.59  ? 49  LYS A CD  1 
ATOM   399 C  CE  . LYS A 1 49 ? -13.788 15.205  -13.967 1.00 83.93  ? 49  LYS A CE  1 
ATOM   400 N  NZ  . LYS A 1 49 ? -12.743 15.086  -15.064 1.00 85.23  ? 49  LYS A NZ  1 
ATOM   401 N  N   . PHE A 1 50 ? -13.822 12.633  -7.499  1.00 78.14  ? 50  PHE A N   1 
ATOM   402 C  CA  . PHE A 1 50 ? -13.021 12.116  -6.364  1.00 76.68  ? 50  PHE A CA  1 
ATOM   403 C  C   . PHE A 1 50 ? -12.985 10.592  -6.342  1.00 76.21  ? 50  PHE A C   1 
ATOM   404 O  O   . PHE A 1 50 ? -11.957 9.997   -5.990  1.00 75.56  ? 50  PHE A O   1 
ATOM   405 C  CB  . PHE A 1 50 ? -13.527 12.645  -5.037  1.00 76.00  ? 50  PHE A CB  1 
ATOM   406 C  CG  . PHE A 1 50 ? -12.520 12.561  -3.943  1.00 78.40  ? 50  PHE A CG  1 
ATOM   407 C  CD1 . PHE A 1 50 ? -11.353 13.337  -3.985  1.00 77.71  ? 50  PHE A CD1 1 
ATOM   408 C  CD2 . PHE A 1 50 ? -12.710 11.702  -2.864  1.00 78.20  ? 50  PHE A CD2 1 
ATOM   409 C  CE1 . PHE A 1 50 ? -10.395 13.268  -2.971  1.00 78.40  ? 50  PHE A CE1 1 
ATOM   410 C  CE2 . PHE A 1 50 ? -11.734 11.620  -1.832  1.00 80.90  ? 50  PHE A CE2 1 
ATOM   411 C  CZ  . PHE A 1 50 ? -10.583 12.413  -1.891  1.00 77.68  ? 50  PHE A CZ  1 
ATOM   412 N  N   . SER A 1 51 ? -14.100 9.974   -6.732  1.00 75.31  ? 51  SER A N   1 
ATOM   413 C  CA  . SER A 1 51 ? -14.208 8.532   -6.816  1.00 75.19  ? 51  SER A CA  1 
ATOM   414 C  C   . SER A 1 51 ? -13.077 8.020   -7.633  1.00 76.15  ? 51  SER A C   1 
ATOM   415 O  O   . SER A 1 51 ? -12.517 6.963   -7.338  1.00 76.78  ? 51  SER A O   1 
ATOM   416 C  CB  . SER A 1 51 ? -15.495 8.103   -7.489  1.00 75.28  ? 51  SER A CB  1 
ATOM   417 O  OG  . SER A 1 51 ? -15.639 6.696   -7.409  1.00 73.19  ? 51  SER A OG  1 
ATOM   418 N  N   . GLU A 1 52 ? -12.731 8.790   -8.652  1.00 76.15  ? 52  GLU A N   1 
ATOM   419 C  CA  . GLU A 1 52 ? -11.686 8.426   -9.554  1.00 76.59  ? 52  GLU A CA  1 
ATOM   420 C  C   . GLU A 1 52 ? -10.307 8.757   -9.046  1.00 75.82  ? 52  GLU A C   1 
ATOM   421 O  O   . GLU A 1 52 ? -9.363  7.994   -9.247  1.00 75.24  ? 52  GLU A O   1 
ATOM   422 C  CB  . GLU A 1 52 ? -11.935 9.056   -10.894 1.00 77.17  ? 52  GLU A CB  1 
ATOM   423 C  CG  . GLU A 1 52 ? -12.837 8.193   -11.694 1.00 81.95  ? 52  GLU A CG  1 
ATOM   424 C  CD  . GLU A 1 52 ? -12.381 8.144   -13.115 1.00 91.10  ? 52  GLU A CD  1 
ATOM   425 O  OE1 . GLU A 1 52 ? -12.604 9.158   -13.812 1.00 95.54  ? 52  GLU A OE1 1 
ATOM   426 O  OE2 . GLU A 1 52 ? -11.786 7.118   -13.551 1.00 95.42  ? 52  GLU A OE2 1 
ATOM   427 N  N   . VAL A 1 53 ? -10.183 9.885   -8.376  1.00 75.47  ? 53  VAL A N   1 
ATOM   428 C  CA  . VAL A 1 53 ? -8.924  10.229  -7.742  1.00 75.52  ? 53  VAL A CA  1 
ATOM   429 C  C   . VAL A 1 53 ? -8.529  9.197   -6.667  1.00 75.71  ? 53  VAL A C   1 
ATOM   430 O  O   . VAL A 1 53 ? -7.350  8.880   -6.491  1.00 75.40  ? 53  VAL A O   1 
ATOM   431 C  CB  . VAL A 1 53 ? -9.013  11.624  -7.170  1.00 75.64  ? 53  VAL A CB  1 
ATOM   432 C  CG1 . VAL A 1 53 ? -7.883  11.904  -6.224  1.00 74.38  ? 53  VAL A CG1 1 
ATOM   433 C  CG2 . VAL A 1 53 ? -9.014  12.626  -8.322  1.00 76.21  ? 53  VAL A CG2 1 
ATOM   434 N  N   . LEU A 1 54 ? -9.534  8.719   -5.933  1.00 76.20  ? 54  LEU A N   1 
ATOM   435 C  CA  . LEU A 1 54 ? -9.403  7.593   -5.006  1.00 76.00  ? 54  LEU A CA  1 
ATOM   436 C  C   . LEU A 1 54 ? -9.038  6.318   -5.742  1.00 75.92  ? 54  LEU A C   1 
ATOM   437 O  O   . LEU A 1 54 ? -8.177  5.570   -5.299  1.00 75.42  ? 54  LEU A O   1 
ATOM   438 C  CB  . LEU A 1 54 ? -10.712 7.380   -4.314  1.00 74.96  ? 54  LEU A CB  1 
ATOM   439 C  CG  . LEU A 1 54 ? -10.734 6.850   -2.931  1.00 76.69  ? 54  LEU A CG  1 
ATOM   440 C  CD1 . LEU A 1 54 ? -9.507  7.250   -2.165  1.00 76.38  ? 54  LEU A CD1 1 
ATOM   441 C  CD2 . LEU A 1 54 ? -11.942 7.514   -2.345  1.00 77.14  ? 54  LEU A CD2 1 
ATOM   442 N  N   . ASP A 1 55 ? -9.656  6.073   -6.886  1.00 76.73  ? 55  ASP A N   1 
ATOM   443 C  CA  . ASP A 1 55 ? -9.293  4.890   -7.657  1.00 78.58  ? 55  ASP A CA  1 
ATOM   444 C  C   . ASP A 1 55 ? -7.863  4.877   -8.191  1.00 78.29  ? 55  ASP A C   1 
ATOM   445 O  O   . ASP A 1 55 ? -7.315  3.806   -8.397  1.00 78.77  ? 55  ASP A O   1 
ATOM   446 C  CB  . ASP A 1 55 ? -10.266 4.618   -8.799  1.00 79.87  ? 55  ASP A CB  1 
ATOM   447 C  CG  . ASP A 1 55 ? -11.458 3.757   -8.374  1.00 84.02  ? 55  ASP A CG  1 
ATOM   448 O  OD1 . ASP A 1 55 ? -11.496 3.192   -7.248  1.00 89.62  ? 55  ASP A OD1 1 
ATOM   449 O  OD2 . ASP A 1 55 ? -12.382 3.644   -9.197  1.00 89.63  ? 55  ASP A OD2 1 
ATOM   450 N  N   . ASN A 1 56 ? -7.269  6.042   -8.427  1.00 77.96  ? 56  ASN A N   1 
ATOM   451 C  CA  . ASN A 1 56 ? -5.947  6.084   -9.027  1.00 77.27  ? 56  ASN A CA  1 
ATOM   452 C  C   . ASN A 1 56 ? -4.963  6.024   -7.914  1.00 76.11  ? 56  ASN A C   1 
ATOM   453 O  O   . ASN A 1 56 ? -3.779  5.812   -8.161  1.00 76.43  ? 56  ASN A O   1 
ATOM   454 C  CB  . ASN A 1 56 ? -5.677  7.379   -9.799  1.00 78.14  ? 56  ASN A CB  1 
ATOM   455 C  CG  . ASN A 1 56 ? -6.457  7.494   -11.146 1.00 81.34  ? 56  ASN A CG  1 
ATOM   456 O  OD1 . ASN A 1 56 ? -6.686  6.515   -11.908 1.00 85.22  ? 56  ASN A OD1 1 
ATOM   457 N  ND2 . ASN A 1 56 ? -6.827  8.736   -11.462 1.00 83.76  ? 56  ASN A ND2 1 
ATOM   458 N  N   . LEU A 1 57 ? -5.443  6.281   -6.699  1.00 74.06  ? 57  LEU A N   1 
ATOM   459 C  CA  . LEU A 1 57 ? -4.646  6.108   -5.489  1.00 72.85  ? 57  LEU A CA  1 
ATOM   460 C  C   . LEU A 1 57 ? -4.603  4.623   -5.143  1.00 71.99  ? 57  LEU A C   1 
ATOM   461 O  O   . LEU A 1 57 ? -3.560  4.096   -4.794  1.00 72.80  ? 57  LEU A O   1 
ATOM   462 C  CB  . LEU A 1 57 ? -5.207  6.914   -4.291  1.00 72.69  ? 57  LEU A CB  1 
ATOM   463 C  CG  . LEU A 1 57 ? -4.434  6.815   -2.968  1.00 72.86  ? 57  LEU A CG  1 
ATOM   464 C  CD1 . LEU A 1 57 ? -3.081  7.569   -3.029  1.00 72.25  ? 57  LEU A CD1 1 
ATOM   465 C  CD2 . LEU A 1 57 ? -5.229  7.252   -1.754  1.00 72.10  ? 57  LEU A CD2 1 
ATOM   466 N  N   . LYS A 1 58 ? -5.740  3.958   -5.253  1.00 70.03  ? 58  LYS A N   1 
ATOM   467 C  CA  . LYS A 1 58 ? -5.834  2.567   -4.937  1.00 69.51  ? 58  LYS A CA  1 
ATOM   468 C  C   . LYS A 1 58 ? -4.995  1.778   -5.890  1.00 70.22  ? 58  LYS A C   1 
ATOM   469 O  O   . LYS A 1 58 ? -4.371  0.831   -5.477  1.00 69.93  ? 58  LYS A O   1 
ATOM   470 C  CB  . LYS A 1 58 ? -7.271  2.061   -4.910  1.00 69.12  ? 58  LYS A CB  1 
ATOM   471 C  CG  . LYS A 1 58 ? -7.997  2.586   -3.698  1.00 68.82  ? 58  LYS A CG  1 
ATOM   472 C  CD  . LYS A 1 58 ? -9.326  1.937   -3.442  1.00 69.28  ? 58  LYS A CD  1 
ATOM   473 C  CE  . LYS A 1 58 ? -10.203 2.196   -4.565  1.00 67.93  ? 58  LYS A CE  1 
ATOM   474 N  NZ  . LYS A 1 58 ? -11.524 1.661   -4.215  1.00 72.73  ? 58  LYS A NZ  1 
ATOM   475 N  N   . SER A 1 59 ? -4.952  2.168   -7.164  1.00 71.29  ? 59  SER A N   1 
ATOM   476 C  CA  . SER A 1 59 ? -4.148  1.456   -8.155  1.00 71.59  ? 59  SER A CA  1 
ATOM   477 C  C   . SER A 1 59 ? -2.677  1.604   -7.907  1.00 72.01  ? 59  SER A C   1 
ATOM   478 O  O   . SER A 1 59 ? -1.914  0.655   -8.097  1.00 71.93  ? 59  SER A O   1 
ATOM   479 C  CB  . SER A 1 59 ? -4.424  1.959   -9.563  1.00 71.89  ? 59  SER A CB  1 
ATOM   480 O  OG  . SER A 1 59 ? -5.657  1.447   -9.975  1.00 75.51  ? 59  SER A OG  1 
ATOM   481 N  N   . THR A 1 60 ? -2.278  2.812   -7.541  1.00 72.43  ? 60  THR A N   1 
ATOM   482 C  CA  . THR A 1 60 ? -0.887  3.096   -7.216  1.00 73.14  ? 60  THR A CA  1 
ATOM   483 C  C   . THR A 1 60 ? -0.422  2.355   -5.998  1.00 73.13  ? 60  THR A C   1 
ATOM   484 O  O   . THR A 1 60 ? 0.702   1.876   -6.004  1.00 73.70  ? 60  THR A O   1 
ATOM   485 C  CB  . THR A 1 60 ? -0.659  4.573   -7.002  1.00 73.68  ? 60  THR A CB  1 
ATOM   486 O  OG1 . THR A 1 60 ? -0.962  5.220   -8.237  1.00 75.21  ? 60  THR A OG1 1 
ATOM   487 C  CG2 . THR A 1 60 ? 0.829   4.867   -6.565  1.00 73.20  ? 60  THR A CG2 1 
ATOM   488 N  N   . PHE A 1 61 ? -1.245  2.280   -4.951  1.00 72.40  ? 61  PHE A N   1 
ATOM   489 C  CA  . PHE A 1 61 ? -0.869  1.455   -3.812  1.00 72.87  ? 61  PHE A CA  1 
ATOM   490 C  C   . PHE A 1 61 ? -0.698  0.017   -4.197  1.00 71.34  ? 61  PHE A C   1 
ATOM   491 O  O   . PHE A 1 61 ? 0.306   -0.568  -3.873  1.00 71.11  ? 61  PHE A O   1 
ATOM   492 C  CB  . PHE A 1 61 ? -1.850  1.513   -2.650  1.00 74.03  ? 61  PHE A CB  1 
ATOM   493 C  CG  . PHE A 1 61 ? -1.862  2.826   -1.908  1.00 79.89  ? 61  PHE A CG  1 
ATOM   494 C  CD1 . PHE A 1 61 ? -1.228  3.967   -2.414  1.00 83.67  ? 61  PHE A CD1 1 
ATOM   495 C  CD2 . PHE A 1 61 ? -2.582  2.959   -0.713  1.00 83.85  ? 61  PHE A CD2 1 
ATOM   496 C  CE1 . PHE A 1 61 ? -1.324  5.200   -1.723  1.00 82.36  ? 61  PHE A CE1 1 
ATOM   497 C  CE2 . PHE A 1 61 ? -2.668  4.203   -0.029  1.00 80.87  ? 61  PHE A CE2 1 
ATOM   498 C  CZ  . PHE A 1 61 ? -2.055  5.301   -0.538  1.00 80.32  ? 61  PHE A CZ  1 
ATOM   499 N  N   . ASN A 1 62 ? -1.650  -0.579  -4.888  1.00 70.07  ? 62  ASN A N   1 
ATOM   500 C  CA  . ASN A 1 62 ? -1.455  -2.003  -5.190  1.00 71.41  ? 62  ASN A CA  1 
ATOM   501 C  C   . ASN A 1 62 ? -0.269  -2.312  -6.119  1.00 70.08  ? 62  ASN A C   1 
ATOM   502 O  O   . ASN A 1 62 ? 0.220   -3.417  -6.129  1.00 70.35  ? 62  ASN A O   1 
ATOM   503 C  CB  . ASN A 1 62 ? -2.761  -2.682  -5.644  1.00 72.69  ? 62  ASN A CB  1 
ATOM   504 C  CG  . ASN A 1 62 ? -3.922  -2.401  -4.670  1.00 77.66  ? 62  ASN A CG  1 
ATOM   505 O  OD1 . ASN A 1 62 ? -3.910  -2.799  -3.472  1.00 84.63  ? 62  ASN A OD1 1 
ATOM   506 N  ND2 . ASN A 1 62 ? -4.905  -1.665  -5.164  1.00 81.93  ? 62  ASN A ND2 1 
ATOM   507 N  N   . GLU A 1 63 ? 0.160   -1.351  -6.914  1.00 69.32  ? 63  GLU A N   1 
ATOM   508 C  CA  . GLU A 1 63 ? 1.362   -1.507  -7.695  1.00 70.88  ? 63  GLU A CA  1 
ATOM   509 C  C   . GLU A 1 63 ? 2.537   -1.358  -6.747  1.00 68.82  ? 63  GLU A C   1 
ATOM   510 O  O   . GLU A 1 63 ? 3.448   -2.112  -6.817  1.00 69.71  ? 63  GLU A O   1 
ATOM   511 C  CB  . GLU A 1 63 ? 1.414   -0.480  -8.834  1.00 71.02  ? 63  GLU A CB  1 
ATOM   512 C  CG  . GLU A 1 63 ? 0.546   -0.876  -10.062 1.00 75.30  ? 63  GLU A CG  1 
ATOM   513 C  CD  . GLU A 1 63 ? 0.319   0.269   -11.069 1.00 75.71  ? 63  GLU A CD  1 
ATOM   514 O  OE1 . GLU A 1 63 ? -0.122  1.379   -10.683 1.00 82.43  ? 63  GLU A OE1 1 
ATOM   515 O  OE2 . GLU A 1 63 ? 0.571   0.051   -12.270 1.00 81.82  ? 63  GLU A OE2 1 
ATOM   516 N  N   . PHE A 1 64 ? 2.486   -0.431  -5.821  1.00 67.82  ? 64  PHE A N   1 
ATOM   517 C  CA  . PHE A 1 64 ? 3.532   -0.371  -4.835  1.00 67.37  ? 64  PHE A CA  1 
ATOM   518 C  C   . PHE A 1 64 ? 3.608   -1.658  -4.040  1.00 67.95  ? 64  PHE A C   1 
ATOM   519 O  O   . PHE A 1 64 ? 4.709   -2.184  -3.755  1.00 67.75  ? 64  PHE A O   1 
ATOM   520 C  CB  . PHE A 1 64 ? 3.325   0.754   -3.864  1.00 66.94  ? 64  PHE A CB  1 
ATOM   521 C  CG  . PHE A 1 64 ? 4.369   0.810   -2.798  1.00 64.52  ? 64  PHE A CG  1 
ATOM   522 C  CD1 . PHE A 1 64 ? 5.639   1.301   -3.089  1.00 64.28  ? 64  PHE A CD1 1 
ATOM   523 C  CD2 . PHE A 1 64 ? 4.083   0.364   -1.508  1.00 65.87  ? 64  PHE A CD2 1 
ATOM   524 C  CE1 . PHE A 1 64 ? 6.623   1.329   -2.098  1.00 67.02  ? 64  PHE A CE1 1 
ATOM   525 C  CE2 . PHE A 1 64 ? 5.033   0.391   -0.508  1.00 65.81  ? 64  PHE A CE2 1 
ATOM   526 C  CZ  . PHE A 1 64 ? 6.303   0.904   -0.783  1.00 67.01  ? 64  PHE A CZ  1 
ATOM   527 N  N   . ASP A 1 65 ? 2.445   -2.154  -3.659  1.00 67.30  ? 65  ASP A N   1 
ATOM   528 C  CA  . ASP A 1 65 ? 2.347   -3.410  -2.920  1.00 68.31  ? 65  ASP A CA  1 
ATOM   529 C  C   . ASP A 1 65 ? 3.071   -4.554  -3.625  1.00 67.30  ? 65  ASP A C   1 
ATOM   530 O  O   . ASP A 1 65 ? 3.867   -5.250  -3.008  1.00 67.50  ? 65  ASP A O   1 
ATOM   531 C  CB  . ASP A 1 65 ? 0.877   -3.796  -2.770  1.00 69.80  ? 65  ASP A CB  1 
ATOM   532 C  CG  . ASP A 1 65 ? 0.687   -5.005  -1.911  1.00 72.99  ? 65  ASP A CG  1 
ATOM   533 O  OD1 . ASP A 1 65 ? 0.733   -4.846  -0.693  1.00 77.69  ? 65  ASP A OD1 1 
ATOM   534 O  OD2 . ASP A 1 65 ? 0.526   -6.116  -2.443  1.00 78.16  ? 65  ASP A OD2 1 
ATOM   535 N  N   . GLU A 1 66 ? 2.780   -4.733  -4.912  1.00 66.25  ? 66  GLU A N   1 
ATOM   536 C  CA  . GLU A 1 66 ? 3.375   -5.770  -5.735  1.00 66.37  ? 66  GLU A CA  1 
ATOM   537 C  C   . GLU A 1 66 ? 4.866   -5.583  -5.821  1.00 65.31  ? 66  GLU A C   1 
ATOM   538 O  O   . GLU A 1 66 ? 5.609   -6.515  -5.593  1.00 64.82  ? 66  GLU A O   1 
ATOM   539 C  CB  . GLU A 1 66 ? 2.699   -5.760  -7.100  1.00 65.83  ? 66  GLU A CB  1 
ATOM   540 C  CG  . GLU A 1 66 ? 3.590   -6.074  -8.274  1.00 68.23  ? 66  GLU A CG  1 
ATOM   541 C  CD  . GLU A 1 66 ? 2.824   -6.399  -9.586  1.00 69.56  ? 66  GLU A CD  1 
ATOM   542 O  OE1 . GLU A 1 66 ? 1.742   -5.818  -9.837  1.00 75.57  ? 66  GLU A OE1 1 
ATOM   543 O  OE2 . GLU A 1 66 ? 3.334   -7.226  -10.396 1.00 75.09  ? 66  GLU A OE2 1 
ATOM   544 N  N   . ALA A 1 67 ? 5.319   -4.363  -6.088  1.00 65.41  ? 67  ALA A N   1 
ATOM   545 C  CA  . ALA A 1 67 ? 6.785   -4.074  -6.148  1.00 65.67  ? 67  ALA A CA  1 
ATOM   546 C  C   . ALA A 1 67 ? 7.479   -4.289  -4.799  1.00 65.56  ? 67  ALA A C   1 
ATOM   547 O  O   . ALA A 1 67 ? 8.544   -4.843  -4.749  1.00 65.88  ? 67  ALA A O   1 
ATOM   548 C  CB  . ALA A 1 67 ? 7.038   -2.658  -6.633  1.00 65.50  ? 67  ALA A CB  1 
ATOM   549 N  N   . ALA A 1 68 ? 6.840   -3.862  -3.707  1.00 66.32  ? 68  ALA A N   1 
ATOM   550 C  CA  . ALA A 1 68 ? 7.327   -4.109  -2.346  1.00 66.10  ? 68  ALA A CA  1 
ATOM   551 C  C   . ALA A 1 68 ? 7.456   -5.591  -1.998  1.00 65.93  ? 68  ALA A C   1 
ATOM   552 O  O   . ALA A 1 68 ? 8.501   -6.000  -1.491  1.00 65.52  ? 68  ALA A O   1 
ATOM   553 C  CB  . ALA A 1 68 ? 6.452   -3.329  -1.281  1.00 65.42  ? 68  ALA A CB  1 
ATOM   554 N  N   . GLN A 1 69 ? 6.436   -6.400  -2.301  1.00 66.67  ? 69  GLN A N   1 
ATOM   555 C  CA  . GLN A 1 69 ? 6.481   -7.873  -2.088  1.00 67.31  ? 69  GLN A CA  1 
ATOM   556 C  C   . GLN A 1 69 ? 7.638   -8.584  -2.775  1.00 67.62  ? 69  GLN A C   1 
ATOM   557 O  O   . GLN A 1 69 ? 8.181   -9.552  -2.230  1.00 67.02  ? 69  GLN A O   1 
ATOM   558 C  CB  . GLN A 1 69 ? 5.184   -8.570  -2.547  1.00 66.52  ? 69  GLN A CB  1 
ATOM   559 C  CG  . GLN A 1 69 ? 3.960   -8.373  -1.611  1.00 69.61  ? 69  GLN A CG  1 
ATOM   560 C  CD  . GLN A 1 69 ? 2.709   -9.257  -1.981  1.00 69.66  ? 69  GLN A CD  1 
ATOM   561 O  OE1 . GLN A 1 69 ? 2.807   -10.484 -2.130  1.00 69.58  ? 69  GLN A OE1 1 
ATOM   562 N  NE2 . GLN A 1 69 ? 1.548   -8.616  -2.116  1.00 71.17  ? 69  GLN A NE2 1 
ATOM   563 N  N   . GLU A 1 70 ? 7.963   -8.158  -3.998  1.00 68.49  ? 70  GLU A N   1 
ATOM   564 C  CA  . GLU A 1 70 ? 9.070   -8.743  -4.755  1.00 69.25  ? 70  GLU A CA  1 
ATOM   565 C  C   . GLU A 1 70 ? 10.426  -8.312  -4.234  1.00 68.77  ? 70  GLU A C   1 
ATOM   566 O  O   . GLU A 1 70 ? 11.345  -9.108  -4.216  1.00 68.83  ? 70  GLU A O   1 
ATOM   567 C  CB  . GLU A 1 70 ? 8.940   -8.524  -6.268  1.00 69.66  ? 70  GLU A CB  1 
ATOM   568 C  CG  . GLU A 1 70 ? 9.135   -7.095  -6.833  1.00 71.41  ? 70  GLU A CG  1 
ATOM   569 C  CD  . GLU A 1 70 ? 8.856   -7.025  -8.372  1.00 71.67  ? 70  GLU A CD  1 
ATOM   570 O  OE1 . GLU A 1 70 ? 9.490   -7.806  -9.116  1.00 74.00  ? 70  GLU A OE1 1 
ATOM   571 O  OE2 . GLU A 1 70 ? 8.029   -6.204  -8.851  1.00 71.82  ? 70  GLU A OE2 1 
ATOM   572 N  N   . GLN A 1 71 ? 10.545  -7.067  -3.797  1.00 68.37  ? 71  GLN A N   1 
ATOM   573 C  CA  . GLN A 1 71 ? 11.757  -6.633  -3.139  1.00 68.47  ? 71  GLN A CA  1 
ATOM   574 C  C   . GLN A 1 71 ? 11.947  -7.360  -1.827  1.00 67.28  ? 71  GLN A C   1 
ATOM   575 O  O   . GLN A 1 71 ? 13.052  -7.690  -1.490  1.00 66.90  ? 71  GLN A O   1 
ATOM   576 C  CB  . GLN A 1 71 ? 11.721  -5.126  -2.869  1.00 68.87  ? 71  GLN A CB  1 
ATOM   577 C  CG  . GLN A 1 71 ? 12.180  -4.323  -4.050  1.00 72.30  ? 71  GLN A CG  1 
ATOM   578 C  CD  . GLN A 1 71 ? 13.657  -4.478  -4.337  1.00 77.30  ? 71  GLN A CD  1 
ATOM   579 O  OE1 . GLN A 1 71 ? 14.467  -4.541  -3.425  1.00 81.36  ? 71  GLN A OE1 1 
ATOM   580 N  NE2 . GLN A 1 71 ? 14.017  -4.536  -5.614  1.00 79.83  ? 71  GLN A NE2 1 
ATOM   581 N  N   . ILE A 1 72 ? 10.868  -7.557  -1.061  1.00 66.99  ? 72  ILE A N   1 
ATOM   582 C  CA  . ILE A 1 72 ? 10.965  -8.216  0.248   1.00 65.57  ? 72  ILE A CA  1 
ATOM   583 C  C   . ILE A 1 72 ? 11.504  -9.642  0.036   1.00 64.79  ? 72  ILE A C   1 
ATOM   584 O  O   . ILE A 1 72 ? 12.372  -10.101 0.753   1.00 64.83  ? 72  ILE A O   1 
ATOM   585 C  CB  . ILE A 1 72 ? 9.624   -8.198  1.024   1.00 64.58  ? 72  ILE A CB  1 
ATOM   586 C  CG1 . ILE A 1 72 ? 9.437   -6.875  1.743   1.00 62.32  ? 72  ILE A CG1 1 
ATOM   587 C  CG2 . ILE A 1 72 ? 9.592   -9.290  2.098   1.00 65.83  ? 72  ILE A CG2 1 
ATOM   588 C  CD1 . ILE A 1 72 ? 7.943   -6.578  2.004   1.00 61.98  ? 72  ILE A CD1 1 
ATOM   589 N  N   . ALA A 1 73 ? 10.997  -10.303 -0.994  1.00 64.99  ? 73  ALA A N   1 
ATOM   590 C  CA  . ALA A 1 73 ? 11.433  -11.646 -1.341  1.00 64.55  ? 73  ALA A CA  1 
ATOM   591 C  C   . ALA A 1 73 ? 12.925  -11.686 -1.653  1.00 64.57  ? 73  ALA A C   1 
ATOM   592 O  O   . ALA A 1 73 ? 13.657  -12.576 -1.169  1.00 64.99  ? 73  ALA A O   1 
ATOM   593 C  CB  . ALA A 1 73 ? 10.618  -12.177 -2.517  1.00 64.65  ? 73  ALA A CB  1 
ATOM   594 N  N   . TRP A 1 74 ? 13.387  -10.742 -2.465  1.00 64.46  ? 74  TRP A N   1 
ATOM   595 C  CA  . TRP A 1 74 ? 14.804  -10.704 -2.844  1.00 64.30  ? 74  TRP A CA  1 
ATOM   596 C  C   . TRP A 1 74 ? 15.661  -10.494 -1.610  1.00 63.13  ? 74  TRP A C   1 
ATOM   597 O  O   . TRP A 1 74 ? 16.570  -11.241 -1.348  1.00 63.48  ? 74  TRP A O   1 
ATOM   598 C  CB  . TRP A 1 74 ? 15.051  -9.578  -3.830  1.00 65.84  ? 74  TRP A CB  1 
ATOM   599 C  CG  . TRP A 1 74 ? 16.450  -9.520  -4.338  1.00 66.57  ? 74  TRP A CG  1 
ATOM   600 C  CD1 . TRP A 1 74 ? 17.052  -10.398 -5.216  1.00 69.08  ? 74  TRP A CD1 1 
ATOM   601 C  CD2 . TRP A 1 74 ? 17.428  -8.523  -4.032  1.00 67.48  ? 74  TRP A CD2 1 
ATOM   602 N  NE1 . TRP A 1 74 ? 18.357  -10.006 -5.457  1.00 69.80  ? 74  TRP A NE1 1 
ATOM   603 C  CE2 . TRP A 1 74 ? 18.609  -8.856  -4.745  1.00 70.19  ? 74  TRP A CE2 1 
ATOM   604 C  CE3 . TRP A 1 74 ? 17.430  -7.397  -3.215  1.00 68.99  ? 74  TRP A CE3 1 
ATOM   605 C  CZ2 . TRP A 1 74 ? 19.779  -8.086  -4.661  1.00 70.11  ? 74  TRP A CZ2 1 
ATOM   606 C  CZ3 . TRP A 1 74 ? 18.581  -6.640  -3.135  1.00 69.25  ? 74  TRP A CZ3 1 
ATOM   607 C  CH2 . TRP A 1 74 ? 19.740  -6.983  -3.853  1.00 68.66  ? 74  TRP A CH2 1 
ATOM   608 N  N   . LEU A 1 75 ? 15.328  -9.486  -0.828  1.00 61.77  ? 75  LEU A N   1 
ATOM   609 C  CA  . LEU A 1 75 ? 16.101  -9.207  0.351   1.00 60.35  ? 75  LEU A CA  1 
ATOM   610 C  C   . LEU A 1 75 ? 16.134  -10.423 1.273   1.00 59.71  ? 75  LEU A C   1 
ATOM   611 O  O   . LEU A 1 75 ? 17.172  -10.705 1.810   1.00 59.72  ? 75  LEU A O   1 
ATOM   612 C  CB  . LEU A 1 75 ? 15.578  -7.952  1.085   1.00 59.44  ? 75  LEU A CB  1 
ATOM   613 C  CG  . LEU A 1 75 ? 15.779  -6.572  0.426   1.00 57.65  ? 75  LEU A CG  1 
ATOM   614 C  CD1 . LEU A 1 75 ? 14.967  -5.482  1.114   1.00 57.90  ? 75  LEU A CD1 1 
ATOM   615 C  CD2 . LEU A 1 75 ? 17.241  -6.216  0.332   1.00 54.56  ? 75  LEU A CD2 1 
ATOM   616 N  N   . LYS A 1 76 ? 15.011  -11.125 1.469   1.00 60.23  ? 76  LYS A N   1 
ATOM   617 C  CA  . LYS A 1 76 ? 14.966  -12.300 2.393   1.00 60.78  ? 76  LYS A CA  1 
ATOM   618 C  C   . LYS A 1 76 ? 15.856  -13.421 1.901   1.00 60.79  ? 76  LYS A C   1 
ATOM   619 O  O   . LYS A 1 76 ? 16.490  -14.147 2.682   1.00 59.77  ? 76  LYS A O   1 
ATOM   620 C  CB  . LYS A 1 76 ? 13.547  -12.838 2.651   1.00 60.62  ? 76  LYS A CB  1 
ATOM   621 C  CG  . LYS A 1 76 ? 12.759  -12.069 3.723   1.00 61.27  ? 76  LYS A CG  1 
ATOM   622 C  CD  . LYS A 1 76 ? 11.374  -12.717 4.013   1.00 61.87  ? 76  LYS A CD  1 
ATOM   623 C  CE  . LYS A 1 76 ? 10.566  -11.889 5.023   1.00 63.46  ? 76  LYS A CE  1 
ATOM   624 N  NZ  . LYS A 1 76 ? 9.237   -12.570 5.274   1.00 71.99  ? 76  LYS A NZ  1 
ATOM   625 N  N   . GLU A 1 77 ? 15.906  -13.531 0.587   1.00 61.60  ? 77  GLU A N   1 
ATOM   626 C  CA  . GLU A 1 77 ? 16.791  -14.465 -0.057  1.00 62.08  ? 77  GLU A CA  1 
ATOM   627 C  C   . GLU A 1 77 ? 18.228  -14.068 0.164   1.00 62.52  ? 77  GLU A C   1 
ATOM   628 O  O   . GLU A 1 77 ? 19.021  -14.900 0.591   1.00 62.30  ? 77  GLU A O   1 
ATOM   629 C  CB  . GLU A 1 77 ? 16.494  -14.493 -1.532  1.00 62.24  ? 77  GLU A CB  1 
ATOM   630 C  CG  . GLU A 1 77 ? 17.261  -15.525 -2.257  1.00 64.74  ? 77  GLU A CG  1 
ATOM   631 C  CD  . GLU A 1 77 ? 16.466  -16.054 -3.402  1.00 67.99  ? 77  GLU A CD  1 
ATOM   632 O  OE1 . GLU A 1 77 ? 15.516  -15.350 -3.835  1.00 68.98  ? 77  GLU A OE1 1 
ATOM   633 O  OE2 . GLU A 1 77 ? 16.786  -17.175 -3.857  1.00 70.78  ? 77  GLU A OE2 1 
ATOM   634 N  N   . ARG A 1 78 ? 18.571  -12.809 -0.127  1.00 63.04  ? 78  ARG A N   1 
ATOM   635 C  CA  . ARG A 1 78 ? 19.927  -12.287 0.156   1.00 63.61  ? 78  ARG A CA  1 
ATOM   636 C  C   . ARG A 1 78 ? 20.342  -12.549 1.590   1.00 63.39  ? 78  ARG A C   1 
ATOM   637 O  O   . ARG A 1 78 ? 21.474  -12.889 1.829   1.00 63.22  ? 78  ARG A O   1 
ATOM   638 C  CB  . ARG A 1 78 ? 20.030  -10.780 -0.112  1.00 64.17  ? 78  ARG A CB  1 
ATOM   639 C  CG  . ARG A 1 78 ? 20.295  -10.412 -1.571  1.00 66.74  ? 78  ARG A CG  1 
ATOM   640 C  CD  . ARG A 1 78 ? 21.628  -9.679  -1.781  1.00 69.69  ? 78  ARG A CD  1 
ATOM   641 N  NE  . ARG A 1 78 ? 22.697  -10.187 -0.921  1.00 73.22  ? 78  ARG A NE  1 
ATOM   642 C  CZ  . ARG A 1 78 ? 23.910  -9.650  -0.799  1.00 72.04  ? 78  ARG A CZ  1 
ATOM   643 N  NH1 . ARG A 1 78 ? 24.251  -8.585  -1.508  1.00 72.22  ? 78  ARG A NH1 1 
ATOM   644 N  NH2 . ARG A 1 78 ? 24.783  -10.182 0.042   1.00 73.17  ? 78  ARG A NH2 1 
ATOM   645 N  N   . ILE A 1 79 ? 19.426  -12.382 2.541   1.00 64.64  ? 79  ILE A N   1 
ATOM   646 C  CA  . ILE A 1 79 ? 19.727  -12.618 3.961   1.00 64.94  ? 79  ILE A CA  1 
ATOM   647 C  C   . ILE A 1 79 ? 20.231  -14.040 4.201   1.00 66.51  ? 79  ILE A C   1 
ATOM   648 O  O   . ILE A 1 79 ? 21.010  -14.268 5.142   1.00 67.37  ? 79  ILE A O   1 
ATOM   649 C  CB  . ILE A 1 79 ? 18.583  -12.192 4.906   1.00 64.51  ? 79  ILE A CB  1 
ATOM   650 C  CG1 . ILE A 1 79 ? 18.533  -10.664 4.943   1.00 62.22  ? 79  ILE A CG1 1 
ATOM   651 C  CG2 . ILE A 1 79 ? 18.797  -12.822 6.307   1.00 64.82  ? 79  ILE A CG2 1 
ATOM   652 C  CD1 . ILE A 1 79 ? 17.272  -10.053 5.415   1.00 59.34  ? 79  ILE A CD1 1 
ATOM   653 N  N   . ARG A 1 80 ? 19.825  -14.999 3.358   1.00 67.72  ? 80  ARG A N   1 
ATOM   654 C  CA  . ARG A 1 80 ? 20.905  -15.890 2.770   1.00 68.34  ? 80  ARG A CA  1 
ATOM   655 C  C   . ARG A 1 80 ? 20.684  -16.723 1.458   1.00 68.45  ? 80  ARG A C   1 
ATOM   656 O  O   . ARG A 1 80 ? 22.092  -17.266 1.064   1.00 67.62  ? 80  ARG A O   1 
ATOM   657 C  CB  . ARG A 1 80 ? 21.691  -16.729 3.816   1.00 68.75  ? 80  ARG A CB  1 
ATOM   658 C  CG  . ARG A 1 80 ? 23.213  -16.419 3.533   1.00 70.53  ? 80  ARG A CG  1 
ATOM   659 C  CD  . ARG A 1 80 ? 24.065  -17.099 4.578   1.00 77.42  ? 80  ARG A CD  1 
ATOM   660 N  NE  . ARG A 1 80 ? 24.692  -16.096 5.437   1.00 82.51  ? 80  ARG A NE  1 
ATOM   661 C  CZ  . ARG A 1 80 ? 24.042  -15.392 6.363   1.00 85.76  ? 80  ARG A CZ  1 
ATOM   662 N  NH1 . ARG A 1 80 ? 22.724  -15.579 6.580   1.00 84.99  ? 80  ARG A NH1 1 
ATOM   663 N  NH2 . ARG A 1 80 ? 24.729  -14.490 7.076   1.00 88.57  ? 80  ARG A NH2 1 
HETATM 664 O  O   . HOH B 2 .  ? -24.075 13.694  2.116   1.00 70.03  ? 87  HOH A O   1 
HETATM 665 O  O   . HOH B 2 .  ? -20.153 9.595   6.828   1.00 39.44  ? 88  HOH A O   1 
HETATM 666 O  O   . HOH B 2 .  ? 12.369  -9.490  8.698   1.00 54.49  ? 89  HOH A O   1 
HETATM 667 O  O   . HOH B 2 .  ? -8.539  5.031   6.746   1.00 33.64  ? 90  HOH A O   1 
HETATM 668 O  O   . HOH B 2 .  ? -14.587 0.547   -1.064  1.00 36.87  ? 91  HOH A O   1 
HETATM 669 O  O   . HOH B 2 .  ? 19.782  1.508   13.706  1.00 68.18  ? 92  HOH A O   1 
HETATM 670 O  O   . HOH B 2 .  ? -14.678 2.581   6.942   1.00 51.80  ? 93  HOH A O   1 
HETATM 671 O  O   . HOH B 2 .  ? 9.761   -9.957  8.279   1.00 55.67  ? 94  HOH A O   1 
HETATM 672 O  O   . HOH B 2 .  ? -8.591  0.821   -8.274  1.00 61.53  ? 95  HOH A O   1 
HETATM 673 O  O   . HOH B 2 .  ? 0.485   -2.407  9.856   1.00 46.60  ? 96  HOH A O   1 
HETATM 674 O  O   . HOH B 2 .  ? 11.297  -3.126  11.554  1.00 49.91  ? 97  HOH A O   1 
HETATM 675 O  O   . HOH B 2 .  ? -26.625 5.752   -5.602  1.00 82.53  ? 98  HOH A O   1 
HETATM 676 O  O   . HOH B 2 .  ? 30.765  -6.342  -1.815  1.00 68.88  ? 99  HOH A O   1 
HETATM 677 O  O   . HOH B 2 .  ? 5.223   -9.889  2.029   1.00 60.98  ? 100 HOH A O   1 
HETATM 678 O  O   . HOH B 2 .  ? 17.989  -0.371  12.253  1.00 62.87  ? 101 HOH A O   1 
HETATM 679 O  O   . HOH B 2 .  ? -26.832 7.201   4.405   1.00 100.02 ? 102 HOH A O   1 
HETATM 680 O  O   . HOH B 2 .  ? 5.447   0.887   11.535  1.00 57.48  ? 103 HOH A O   1 
HETATM 681 O  O   . HOH B 2 .  ? -16.931 22.980  -8.605  1.00 68.95  ? 104 HOH A O   1 
HETATM 682 O  O   . HOH B 2 .  ? 20.776  -14.126 11.457  1.00 64.12  ? 105 HOH A O   1 
HETATM 683 O  O   . HOH B 2 .  ? -17.711 25.560  -8.653  1.00 70.97  ? 106 HOH A O   1 
HETATM 684 O  O   . HOH B 2 .  ? -21.418 7.388   6.017   1.00 48.93  ? 107 HOH A O   1 
HETATM 685 O  O   . HOH B 2 .  ? -7.085  5.169   -14.510 1.00 70.34  ? 108 HOH A O   1 
HETATM 686 O  O   . HOH B 2 .  ? -7.928  -1.673  -2.494  1.00 70.20  ? 109 HOH A O   1 
HETATM 687 O  O   . HOH B 2 .  ? 17.873  -1.437  16.195  1.00 75.94  ? 110 HOH A O   1 
HETATM 688 O  O   . HOH B 2 .  ? 24.435  -13.021 4.548   1.00 61.28  ? 111 HOH A O   1 
HETATM 689 O  O   . HOH B 2 .  ? -22.740 9.996   -7.624  1.00 76.21  ? 112 HOH A O   1 
HETATM 690 O  O   . HOH B 2 .  ? -23.560 7.000   4.730   1.00 59.22  ? 113 HOH A O   1 
HETATM 691 O  O   . HOH B 2 .  ? -15.669 -4.686  5.306   1.00 70.38  ? 114 HOH A O   1 
HETATM 692 O  O   . HOH B 2 .  ? 2.424   -8.354  7.074   1.00 64.02  ? 115 HOH A O   1 
HETATM 693 O  O   . HOH B 2 .  ? 3.346   -8.809  13.175  1.00 60.38  ? 116 HOH A O   1 
# 
